data_2AS5
#
_entry.id   2AS5
#
_cell.length_a   65.455
_cell.length_b   157.447
_cell.length_c   67.666
_cell.angle_alpha   90.00
_cell.angle_beta   118.67
_cell.angle_gamma   90.00
#
_symmetry.space_group_name_H-M   'P 1 21 1'
#
loop_
_entity.id
_entity.type
_entity.pdbx_description
1 polymer "5'-D(TP*TP*AP*GP*GP*AP*AP*AP*AP*TP*TP*TP*GP*TP*TP*TP*CP*AP*TP*AP*GP*)-3'"
2 polymer "5'-D(AP*AP*CP*TP*AP*TP*GP*AP*AP*AP*CP*AP*AP*AP*TP*TP*TP*TP*CP*CP*TP*)-3'"
3 polymer 'Nuclear factor of activated T-cells, cytoplasmic 2'
4 polymer 'Forkhead box protein P2'
5 non-polymer 'MAGNESIUM ION'
6 water water
#
loop_
_entity_poly.entity_id
_entity_poly.type
_entity_poly.pdbx_seq_one_letter_code
_entity_poly.pdbx_strand_id
1 'polydeoxyribonucleotide'
;(DT)(DT)(DA)(DG)(DG)(DA)(DA)(DA)(DA)(DT)(DT)(DT)(DG)(DT)(DT)(DT)(DC)(DA)(DT)(DA)
(DG)
;
A,C
2 'polydeoxyribonucleotide'
;(DA)(DA)(DC)(DT)(DA)(DT)(DG)(DA)(DA)(DA)(DC)(DA)(DA)(DA)(DT)(DT)(DT)(DT)(DC)(DC)
(DT)
;
B,D
3 'polypeptide(L)'
;ASLPPLEWPLSSQSGSYELRIEVQPKPHHRAHYETEGSRGAVKAPTGGHPVVQLHGYMENKPLGLQIFIGTADERILKPH
AFYQVHRITGKTVTTTSYEKIVGNTKVLEIPLEPKNNMRATIDCAGILKLRNADIELRKGETDIGRKNTRVRLVFRVHIP
ESSGRIVSLQTASNPIECSQRSAHELPMVERQDTDSCLVYGGQQMILTGQNFTSESKVVFTEKTTDGQQIWEMEATVDKD
KSQPNMLFVEIPEYRNKHIRTPVKVNFYVINGKRKRSQPQHFTYHPV
;
N,M
4 'polypeptide(L)'
;IVRPPFTYATLIRQAIMESSDRQLTLNEIYSWFTRTFAYFRRNAATWKNAVRHNLSLHKCFVRVENVKGAVWTVDEVEYQ
KRRSQKITGSPTL
;
F,G
#
# COMPACT_ATOMS: atom_id res chain seq x y z
N ALA E 1 12.14 8.92 12.30
CA ALA E 1 12.01 9.01 13.77
C ALA E 1 10.71 9.73 14.16
N SER E 2 10.11 10.40 13.18
CA SER E 2 8.86 11.13 13.42
C SER E 2 7.67 10.36 12.85
N LEU E 3 6.47 10.92 13.03
CA LEU E 3 5.26 10.28 12.54
C LEU E 3 4.22 11.27 12.03
N PRO E 4 4.26 11.52 10.73
CA PRO E 4 3.32 12.43 10.06
C PRO E 4 2.97 11.82 8.71
N PRO E 5 1.85 11.07 8.66
CA PRO E 5 1.45 10.45 7.40
C PRO E 5 1.32 11.50 6.32
N LEU E 6 2.00 11.28 5.21
CA LEU E 6 1.97 12.21 4.09
C LEU E 6 0.59 12.75 3.71
N GLU E 7 -0.46 12.07 4.17
CA GLU E 7 -1.83 12.46 3.86
C GLU E 7 -2.43 13.43 4.87
N TRP E 8 -1.70 13.74 5.93
CA TRP E 8 -2.22 14.64 6.97
C TRP E 8 -1.97 16.11 6.61
N PRO E 9 -3.01 16.94 6.73
CA PRO E 9 -2.85 18.36 6.40
C PRO E 9 -1.88 19.03 7.37
N LEU E 10 -1.17 20.02 6.85
CA LEU E 10 -0.20 20.80 7.63
C LEU E 10 -0.16 22.23 7.06
N SER E 11 -0.17 23.22 7.96
CA SER E 11 -0.11 24.60 7.52
C SER E 11 1.32 24.86 7.09
N SER E 12 1.52 25.93 6.34
CA SER E 12 2.83 26.32 5.83
C SER E 12 3.65 27.08 6.86
N GLN E 13 3.04 27.39 8.00
CA GLN E 13 3.74 28.12 9.03
C GLN E 13 3.09 27.91 10.38
N SER E 14 3.89 28.05 11.44
CA SER E 14 3.43 27.88 12.81
C SER E 14 4.45 28.52 13.74
N GLY E 15 3.98 29.37 14.65
CA GLY E 15 4.88 30.03 15.57
C GLY E 15 5.68 31.07 14.80
N SER E 16 6.98 31.15 15.07
CA SER E 16 7.83 32.09 14.35
C SER E 16 8.37 31.50 13.04
N TYR E 17 8.09 30.23 12.77
CA TYR E 17 8.59 29.57 11.56
C TYR E 17 7.68 29.71 10.34
N GLU E 18 8.31 29.68 9.15
CA GLU E 18 7.60 29.78 7.88
C GLU E 18 8.36 29.05 6.77
N LEU E 19 7.70 28.09 6.12
CA LEU E 19 8.34 27.32 5.06
C LEU E 19 8.07 27.94 3.69
N ARG E 20 8.80 28.99 3.37
CA ARG E 20 8.63 29.68 2.10
C ARG E 20 8.93 28.83 0.88
N ILE E 21 8.72 29.42 -0.29
CA ILE E 21 8.96 28.78 -1.57
C ILE E 21 9.38 29.86 -2.56
N GLU E 22 10.56 30.43 -2.32
CA GLU E 22 11.15 31.47 -3.14
C GLU E 22 10.77 31.28 -4.60
N VAL E 23 11.62 30.61 -5.38
CA VAL E 23 11.32 30.38 -6.79
C VAL E 23 10.27 29.27 -6.89
N GLN E 24 9.62 29.18 -8.04
CA GLN E 24 8.55 28.21 -8.29
C GLN E 24 8.93 27.33 -9.50
N PRO E 25 8.34 26.12 -9.60
CA PRO E 25 8.65 25.23 -10.73
C PRO E 25 7.99 25.79 -11.97
N LYS E 26 8.56 25.56 -13.14
CA LYS E 26 7.91 26.06 -14.34
C LYS E 26 6.58 25.30 -14.56
N PRO E 27 5.81 25.68 -15.60
CA PRO E 27 4.53 25.02 -15.84
C PRO E 27 4.56 23.58 -16.38
N HIS E 28 5.34 23.37 -17.41
CA HIS E 28 5.42 22.05 -18.02
C HIS E 28 6.70 21.30 -17.67
N HIS E 29 6.59 19.98 -17.60
CA HIS E 29 7.72 19.13 -17.29
C HIS E 29 7.34 17.66 -17.54
N ARG E 30 7.75 17.14 -18.68
CA ARG E 30 7.50 15.76 -19.09
C ARG E 30 8.14 14.67 -18.23
N ALA E 31 7.38 14.07 -17.31
CA ALA E 31 7.94 13.01 -16.48
C ALA E 31 8.49 11.95 -17.41
N HIS E 32 9.36 11.10 -16.86
CA HIS E 32 9.98 10.01 -17.63
C HIS E 32 9.44 8.67 -17.14
N TYR E 33 9.46 7.68 -18.03
CA TYR E 33 8.97 6.33 -17.72
C TYR E 33 10.13 5.41 -17.48
N GLU E 34 9.95 4.45 -16.56
CA GLU E 34 11.01 3.49 -16.25
C GLU E 34 11.64 2.94 -17.52
N THR E 35 10.85 2.71 -18.57
CA THR E 35 11.43 2.18 -19.81
C THR E 35 12.16 3.23 -20.65
N GLU E 36 12.57 4.33 -20.02
CA GLU E 36 13.33 5.33 -20.75
C GLU E 36 14.34 6.13 -19.92
N GLY E 37 15.28 6.74 -20.62
CA GLY E 37 16.26 7.55 -19.92
C GLY E 37 15.63 8.58 -18.99
N SER E 38 16.47 9.25 -18.22
CA SER E 38 16.00 10.26 -17.28
C SER E 38 15.70 11.55 -18.04
N ARG E 39 14.77 12.33 -17.51
CA ARG E 39 14.41 13.60 -18.15
C ARG E 39 14.73 14.81 -17.28
N GLY E 40 15.72 14.64 -16.41
CA GLY E 40 16.18 15.72 -15.57
C GLY E 40 15.34 16.19 -14.45
N ALA E 41 15.85 17.21 -13.79
CA ALA E 41 15.20 17.81 -12.65
C ALA E 41 14.13 18.76 -13.12
N VAL E 42 13.36 19.24 -12.15
CA VAL E 42 12.30 20.18 -12.41
C VAL E 42 12.92 21.58 -12.52
N LYS E 43 12.99 22.10 -13.73
CA LYS E 43 13.57 23.41 -13.93
C LYS E 43 12.58 24.50 -13.49
N ALA E 44 13.10 25.73 -13.34
CA ALA E 44 12.30 26.89 -12.92
C ALA E 44 11.96 27.74 -14.15
N PRO E 45 10.98 28.65 -14.03
CA PRO E 45 10.62 29.49 -15.19
C PRO E 45 11.82 30.30 -15.68
N THR E 46 12.57 30.83 -14.71
CA THR E 46 13.75 31.63 -14.97
C THR E 46 14.77 30.91 -15.87
N GLY E 47 15.12 29.69 -15.49
CA GLY E 47 16.07 28.88 -16.22
C GLY E 47 16.85 28.06 -15.21
N GLY E 48 16.70 28.47 -13.94
CA GLY E 48 17.39 27.78 -12.88
C GLY E 48 16.56 26.64 -12.32
N HIS E 49 16.32 26.67 -11.01
CA HIS E 49 15.57 25.61 -10.34
C HIS E 49 14.75 26.18 -9.20
N PRO E 50 13.82 25.37 -8.66
CA PRO E 50 12.99 25.86 -7.55
C PRO E 50 13.87 26.18 -6.34
N VAL E 51 13.29 26.82 -5.33
CA VAL E 51 14.05 27.15 -4.14
C VAL E 51 13.13 27.29 -2.97
N VAL E 52 13.43 26.62 -1.87
CA VAL E 52 12.62 26.76 -0.67
C VAL E 52 13.51 27.24 0.47
N GLN E 53 12.92 27.96 1.42
CA GLN E 53 13.68 28.50 2.55
C GLN E 53 12.82 28.60 3.79
N LEU E 54 13.44 28.30 4.94
CA LEU E 54 12.74 28.37 6.21
C LEU E 54 12.86 29.82 6.67
N HIS E 55 12.55 30.09 7.93
CA HIS E 55 12.66 31.45 8.41
C HIS E 55 12.83 31.60 9.91
N GLY E 56 11.84 31.11 10.65
CA GLY E 56 11.89 31.24 12.10
C GLY E 56 12.96 30.41 12.78
N TYR E 57 13.62 29.53 12.03
CA TYR E 57 14.66 28.69 12.60
C TYR E 57 15.93 29.52 12.66
N MET E 58 16.29 29.96 13.85
CA MET E 58 17.48 30.79 14.01
C MET E 58 18.57 30.06 14.80
N GLU E 59 18.34 28.78 15.09
CA GLU E 59 19.32 27.97 15.81
C GLU E 59 20.41 27.63 14.80
N ASN E 60 21.39 26.84 15.19
CA ASN E 60 22.44 26.46 14.25
C ASN E 60 22.59 24.94 14.24
N LYS E 61 21.87 24.33 13.30
CA LYS E 61 21.86 22.88 13.12
C LYS E 61 21.00 22.55 11.90
N PRO E 62 21.57 21.82 10.93
CA PRO E 62 20.83 21.45 9.71
C PRO E 62 19.48 20.79 10.00
N LEU E 63 18.63 20.79 8.97
CA LEU E 63 17.29 20.18 9.03
C LEU E 63 17.03 19.48 7.72
N GLY E 64 16.29 18.38 7.80
CA GLY E 64 15.97 17.61 6.61
C GLY E 64 14.71 18.16 5.98
N LEU E 65 14.84 18.62 4.73
CA LEU E 65 13.72 19.19 4.00
C LEU E 65 13.22 18.16 3.03
N GLN E 66 12.05 17.58 3.33
CA GLN E 66 11.45 16.54 2.50
C GLN E 66 10.89 16.99 1.16
N ILE E 67 10.70 16.02 0.26
CA ILE E 67 10.18 16.30 -1.06
C ILE E 67 9.48 15.10 -1.66
N PHE E 68 8.20 15.25 -1.99
CA PHE E 68 7.47 14.16 -2.64
C PHE E 68 6.46 14.78 -3.60
N ILE E 69 6.25 14.13 -4.74
CA ILE E 69 5.28 14.61 -5.71
C ILE E 69 3.88 14.38 -5.15
N GLY E 70 3.15 15.47 -4.93
CA GLY E 70 1.82 15.36 -4.39
C GLY E 70 0.76 15.47 -5.46
N THR E 71 -0.48 15.24 -5.06
CA THR E 71 -1.60 15.33 -5.99
C THR E 71 -1.92 16.82 -6.24
N ALA E 72 -2.65 17.13 -7.31
CA ALA E 72 -2.99 18.52 -7.64
C ALA E 72 -4.44 18.72 -8.08
N ASP E 73 -5.30 17.75 -7.77
CA ASP E 73 -6.71 17.85 -8.15
C ASP E 73 -7.41 18.78 -7.16
N GLU E 74 -8.73 18.84 -7.26
CA GLU E 74 -9.49 19.70 -6.36
C GLU E 74 -9.30 19.29 -4.90
N ARG E 75 -9.73 18.07 -4.58
CA ARG E 75 -9.63 17.52 -3.23
C ARG E 75 -8.35 17.92 -2.52
N ILE E 76 -8.32 17.74 -1.21
CA ILE E 76 -7.15 18.08 -0.42
C ILE E 76 -5.89 17.42 -0.98
N LEU E 77 -4.76 17.77 -0.39
CA LEU E 77 -3.47 17.26 -0.82
C LEU E 77 -3.18 15.85 -0.34
N LYS E 78 -2.58 15.06 -1.22
CA LYS E 78 -2.19 13.69 -0.91
C LYS E 78 -1.20 13.17 -1.96
N PRO E 79 -0.34 12.21 -1.57
CA PRO E 79 0.63 11.65 -2.50
C PRO E 79 -0.02 11.20 -3.78
N HIS E 80 0.58 11.53 -4.92
CA HIS E 80 0.03 11.17 -6.20
C HIS E 80 0.46 9.77 -6.58
N ALA E 81 -0.38 8.79 -6.29
CA ALA E 81 -0.04 7.39 -6.59
C ALA E 81 0.44 7.06 -8.01
N PHE E 82 0.40 8.01 -8.93
CA PHE E 82 0.88 7.72 -10.29
C PHE E 82 2.25 8.33 -10.60
N TYR E 83 2.71 9.21 -9.71
CA TYR E 83 4.00 9.86 -9.89
C TYR E 83 4.86 9.80 -8.66
N GLN E 84 6.13 9.46 -8.89
CA GLN E 84 7.16 9.41 -7.85
C GLN E 84 8.30 10.44 -8.09
N VAL E 85 8.71 11.14 -7.03
CA VAL E 85 9.88 12.04 -7.17
C VAL E 85 11.06 11.10 -7.50
N HIS E 86 11.91 11.51 -8.42
CA HIS E 86 13.06 10.70 -8.81
C HIS E 86 14.40 11.44 -8.64
N ARG E 87 15.24 10.86 -7.77
CA ARG E 87 16.56 11.40 -7.41
C ARG E 87 17.57 11.41 -8.54
N ILE E 88 18.12 12.59 -8.81
CA ILE E 88 19.14 12.75 -9.84
C ILE E 88 20.43 13.06 -9.09
N THR E 89 21.55 12.59 -9.62
CA THR E 89 22.82 12.80 -8.96
C THR E 89 24.01 13.07 -9.88
N GLY E 90 25.11 13.45 -9.23
CA GLY E 90 26.39 13.73 -9.87
C GLY E 90 26.65 15.05 -10.56
N LYS E 91 27.08 14.91 -11.81
CA LYS E 91 27.42 16.01 -12.70
C LYS E 91 26.65 17.29 -12.46
N THR E 92 25.56 17.47 -13.21
CA THR E 92 24.74 18.66 -13.14
C THR E 92 23.85 18.73 -11.90
N VAL E 93 24.45 18.51 -10.73
CA VAL E 93 23.67 18.55 -9.49
C VAL E 93 24.54 19.02 -8.34
N THR E 94 24.03 19.99 -7.59
CA THR E 94 24.76 20.54 -6.46
C THR E 94 24.04 20.36 -5.13
N THR E 95 23.14 19.39 -5.05
CA THR E 95 22.40 19.17 -3.83
C THR E 95 22.43 17.71 -3.39
N THR E 96 23.15 17.44 -2.31
CA THR E 96 23.22 16.10 -1.76
C THR E 96 21.81 15.68 -1.40
N SER E 97 21.42 14.48 -1.82
CA SER E 97 20.09 13.97 -1.58
C SER E 97 20.04 12.57 -0.97
N TYR E 98 19.09 12.40 -0.08
CA TYR E 98 18.83 11.15 0.64
C TYR E 98 17.47 10.69 0.12
N GLU E 99 17.30 9.39 -0.11
CA GLU E 99 16.04 8.87 -0.65
C GLU E 99 15.29 7.83 0.22
N LYS E 100 14.26 8.28 0.92
CA LYS E 100 13.46 7.41 1.77
C LYS E 100 12.35 6.75 0.97
N ILE E 101 11.30 6.34 1.66
CA ILE E 101 10.14 5.69 1.06
C ILE E 101 9.09 5.44 2.16
N VAL E 102 7.92 6.06 2.01
CA VAL E 102 6.85 5.94 3.00
C VAL E 102 5.55 5.40 2.37
N GLY E 103 5.16 4.22 2.80
CA GLY E 103 3.96 3.60 2.24
C GLY E 103 4.26 3.20 0.82
N ASN E 104 3.78 3.98 -0.14
CA ASN E 104 4.01 3.68 -1.55
C ASN E 104 4.57 4.94 -2.19
N THR E 105 4.78 5.96 -1.36
CA THR E 105 5.31 7.23 -1.82
C THR E 105 6.79 7.38 -1.60
N LYS E 106 7.52 7.60 -2.69
CA LYS E 106 8.95 7.81 -2.65
C LYS E 106 9.17 9.23 -2.15
N VAL E 107 10.09 9.39 -1.20
CA VAL E 107 10.42 10.72 -0.68
C VAL E 107 11.91 11.03 -0.82
N LEU E 108 12.20 12.27 -1.20
CA LEU E 108 13.57 12.69 -1.40
C LEU E 108 13.95 13.73 -0.36
N GLU E 109 14.83 13.37 0.58
CA GLU E 109 15.23 14.31 1.61
C GLU E 109 16.48 15.13 1.25
N ILE E 110 16.32 16.45 1.31
CA ILE E 110 17.41 17.37 1.01
C ILE E 110 17.74 18.13 2.28
N PRO E 111 18.99 18.53 2.45
CA PRO E 111 19.28 19.25 3.68
C PRO E 111 19.21 20.78 3.55
N LEU E 112 18.77 21.42 4.61
CA LEU E 112 18.69 22.88 4.66
C LEU E 112 19.73 23.19 5.74
N GLU E 113 20.79 23.91 5.37
CA GLU E 113 21.84 24.22 6.36
C GLU E 113 22.02 25.69 6.68
N PRO E 114 22.15 26.01 7.99
CA PRO E 114 22.34 27.38 8.51
C PRO E 114 23.37 28.18 7.71
N LYS E 115 24.27 27.47 7.04
CA LYS E 115 25.29 28.10 6.22
C LYS E 115 24.63 28.93 5.11
N ASN E 116 23.56 28.41 4.53
CA ASN E 116 22.83 29.11 3.49
C ASN E 116 21.51 29.69 3.99
N ASN E 117 21.39 29.75 5.31
CA ASN E 117 20.21 30.31 5.96
C ASN E 117 18.96 29.45 5.73
N MET E 118 19.13 28.14 5.71
CA MET E 118 18.00 27.23 5.50
C MET E 118 17.34 27.48 4.15
N ARG E 119 18.16 27.65 3.11
CA ARG E 119 17.66 27.93 1.78
C ARG E 119 18.24 26.93 0.78
N ALA E 120 17.50 25.86 0.51
CA ALA E 120 17.95 24.84 -0.42
C ALA E 120 17.51 25.12 -1.86
N THR E 121 18.36 24.77 -2.82
CA THR E 121 18.03 24.98 -4.22
C THR E 121 17.71 23.66 -4.92
N ILE E 122 16.49 23.21 -4.75
CA ILE E 122 15.99 21.97 -5.34
C ILE E 122 16.37 21.79 -6.80
N ASP E 123 17.53 21.18 -7.07
CA ASP E 123 17.96 20.97 -8.45
C ASP E 123 18.21 19.49 -8.77
N CYS E 124 17.84 18.64 -7.81
CA CYS E 124 18.04 17.19 -7.94
C CYS E 124 16.74 16.36 -7.93
N ALA E 125 15.60 17.04 -8.03
CA ALA E 125 14.29 16.37 -8.05
C ALA E 125 13.77 16.17 -9.47
N GLY E 126 13.48 14.92 -9.79
CA GLY E 126 12.95 14.57 -11.10
C GLY E 126 11.58 13.95 -10.93
N ILE E 127 10.92 13.62 -12.02
CA ILE E 127 9.62 12.99 -11.86
C ILE E 127 9.49 11.73 -12.68
N LEU E 128 9.17 10.63 -12.01
CA LEU E 128 9.00 9.33 -12.65
C LEU E 128 7.52 9.08 -12.74
N LYS E 129 7.09 8.58 -13.89
CA LYS E 129 5.67 8.25 -14.07
C LYS E 129 5.47 6.73 -14.01
N LEU E 130 4.58 6.26 -13.15
CA LEU E 130 4.32 4.83 -13.12
C LEU E 130 3.20 4.53 -14.14
N ARG E 131 3.22 3.33 -14.75
CA ARG E 131 2.19 2.91 -15.71
C ARG E 131 0.88 2.82 -14.92
N ASN E 132 -0.25 3.11 -15.56
CA ASN E 132 -1.54 3.10 -14.84
C ASN E 132 -2.07 1.73 -14.52
N ALA E 133 -1.99 0.82 -15.48
CA ALA E 133 -2.49 -0.53 -15.27
C ALA E 133 -1.87 -1.18 -14.02
N ASP E 134 -0.67 -0.76 -13.63
CA ASP E 134 -0.04 -1.34 -12.45
C ASP E 134 -0.41 -0.63 -11.17
N ILE E 135 -0.97 0.57 -11.28
CA ILE E 135 -1.33 1.32 -10.09
C ILE E 135 -2.79 1.21 -9.76
N GLU E 136 -3.64 1.20 -10.78
CA GLU E 136 -5.08 1.06 -10.59
C GLU E 136 -5.33 -0.35 -10.08
N LEU E 137 -4.68 -1.33 -10.70
CA LEU E 137 -4.82 -2.74 -10.33
C LEU E 137 -4.17 -3.12 -8.99
N ARG E 138 -4.25 -2.22 -8.02
CA ARG E 138 -3.71 -2.49 -6.69
C ARG E 138 -4.89 -2.76 -5.78
N LYS E 139 -4.80 -3.85 -5.01
CA LYS E 139 -5.86 -4.28 -4.10
C LYS E 139 -6.74 -3.18 -3.48
N GLY E 140 -6.17 -2.04 -3.14
CA GLY E 140 -6.99 -1.00 -2.53
C GLY E 140 -7.28 0.26 -3.32
N GLU E 141 -6.26 0.76 -4.03
CA GLU E 141 -6.35 2.01 -4.80
C GLU E 141 -7.58 2.18 -5.69
N THR E 142 -8.38 3.19 -5.38
CA THR E 142 -9.58 3.52 -6.16
C THR E 142 -9.39 4.82 -6.95
N ASP E 143 -8.16 5.28 -7.06
CA ASP E 143 -7.86 6.52 -7.80
C ASP E 143 -7.84 6.27 -9.31
N ILE E 144 -8.22 7.30 -10.07
CA ILE E 144 -8.30 7.19 -11.52
C ILE E 144 -6.99 6.90 -12.26
N GLY E 145 -6.37 7.95 -12.81
CA GLY E 145 -5.13 7.76 -13.56
C GLY E 145 -5.22 8.24 -15.00
N ARG E 146 -6.35 7.99 -15.69
CA ARG E 146 -6.49 8.41 -17.09
C ARG E 146 -6.81 9.90 -17.09
N LYS E 147 -6.03 10.64 -17.87
CA LYS E 147 -6.16 12.10 -17.99
C LYS E 147 -5.79 12.76 -16.67
N ASN E 148 -5.24 11.95 -15.76
CA ASN E 148 -4.82 12.41 -14.44
C ASN E 148 -3.30 12.63 -14.47
N THR E 149 -2.89 13.77 -15.01
CA THR E 149 -1.47 14.02 -15.19
C THR E 149 -0.85 15.35 -14.70
N ARG E 150 -1.40 15.92 -13.64
CA ARG E 150 -0.86 17.17 -13.11
C ARG E 150 -0.36 16.92 -11.68
N VAL E 151 0.78 17.52 -11.32
CA VAL E 151 1.28 17.30 -9.97
C VAL E 151 1.68 18.59 -9.27
N ARG E 152 2.01 18.43 -7.99
CA ARG E 152 2.47 19.52 -7.14
C ARG E 152 3.70 19.07 -6.30
N LEU E 153 4.80 19.80 -6.40
CA LEU E 153 6.01 19.47 -5.64
C LEU E 153 5.70 19.83 -4.20
N VAL E 154 5.54 18.83 -3.35
CA VAL E 154 5.24 19.06 -1.94
C VAL E 154 6.51 19.07 -1.08
N PHE E 155 6.63 20.07 -0.23
CA PHE E 155 7.79 20.17 0.65
C PHE E 155 7.32 20.04 2.09
N ARG E 156 8.13 19.37 2.91
CA ARG E 156 7.77 19.19 4.32
C ARG E 156 9.03 19.22 5.19
N VAL E 157 8.90 19.75 6.41
CA VAL E 157 10.05 19.82 7.33
C VAL E 157 9.62 19.63 8.78
N HIS E 158 10.54 19.11 9.61
CA HIS E 158 10.24 18.91 11.03
C HIS E 158 11.19 19.68 11.96
N ILE E 159 10.84 20.90 12.32
CA ILE E 159 11.68 21.66 13.22
C ILE E 159 11.48 21.12 14.63
N PRO E 160 12.58 20.72 15.30
CA PRO E 160 12.43 20.20 16.66
C PRO E 160 12.33 21.35 17.65
N GLU E 161 11.38 21.26 18.58
CA GLU E 161 11.19 22.32 19.56
C GLU E 161 11.78 21.93 20.91
N SER E 162 12.54 22.84 21.51
CA SER E 162 13.19 22.62 22.80
C SER E 162 12.25 22.16 23.89
N SER E 163 10.96 22.05 23.58
CA SER E 163 9.97 21.62 24.55
C SER E 163 9.74 20.10 24.47
N GLY E 164 10.19 19.50 23.38
CA GLY E 164 10.01 18.07 23.18
C GLY E 164 8.82 17.86 22.26
N ARG E 165 8.55 18.88 21.45
CA ARG E 165 7.43 18.87 20.50
C ARG E 165 7.91 19.01 19.06
N ILE E 166 7.66 17.99 18.25
CA ILE E 166 8.04 18.03 16.84
C ILE E 166 7.05 18.94 16.11
N VAL E 167 7.55 20.05 15.56
CA VAL E 167 6.69 20.99 14.84
C VAL E 167 6.82 20.81 13.33
N SER E 168 5.76 20.31 12.71
CA SER E 168 5.77 20.07 11.27
C SER E 168 5.16 21.17 10.42
N LEU E 169 5.91 21.59 9.40
CA LEU E 169 5.46 22.61 8.47
C LEU E 169 5.56 21.98 7.10
N GLN E 170 4.74 22.46 6.16
CA GLN E 170 4.71 21.90 4.82
C GLN E 170 4.12 22.89 3.84
N THR E 171 4.54 22.79 2.58
CA THR E 171 4.01 23.66 1.57
C THR E 171 4.16 23.04 0.20
N ALA E 172 3.12 23.18 -0.61
CA ALA E 172 3.11 22.61 -1.95
C ALA E 172 3.46 23.69 -2.95
N SER E 173 3.80 23.28 -4.17
CA SER E 173 4.13 24.23 -5.20
C SER E 173 2.90 24.45 -6.09
N ASN E 174 3.12 25.07 -7.24
CA ASN E 174 2.04 25.29 -8.16
C ASN E 174 1.99 24.00 -8.98
N PRO E 175 0.83 23.66 -9.54
CA PRO E 175 0.71 22.43 -10.34
C PRO E 175 1.58 22.43 -11.59
N ILE E 176 2.14 21.25 -11.90
CA ILE E 176 3.00 21.05 -13.09
C ILE E 176 2.30 19.97 -13.87
N GLU E 177 2.35 20.08 -15.20
CA GLU E 177 1.72 19.11 -16.09
C GLU E 177 2.82 18.19 -16.61
N CYS E 178 2.74 16.89 -16.32
CA CYS E 178 3.80 15.99 -16.75
C CYS E 178 3.61 15.27 -18.07
N SER E 179 2.41 15.32 -18.63
CA SER E 179 2.17 14.67 -19.91
C SER E 179 2.78 15.42 -21.09
N GLN E 180 3.44 14.68 -21.98
CA GLN E 180 4.01 15.29 -23.18
C GLN E 180 2.84 15.94 -23.94
N ARG E 181 1.84 15.13 -24.30
CA ARG E 181 0.71 15.59 -25.07
C ARG E 181 -0.16 16.65 -24.38
N SER E 182 -0.50 16.44 -23.12
CA SER E 182 -1.31 17.41 -22.41
C SER E 182 -0.54 18.70 -22.12
N ALA E 183 0.55 18.90 -22.85
CA ALA E 183 1.35 20.09 -22.67
C ALA E 183 1.30 20.88 -23.98
N HIS E 184 1.16 20.15 -25.09
CA HIS E 184 1.09 20.76 -26.39
C HIS E 184 -0.34 21.20 -26.68
N GLU E 185 -1.31 20.56 -26.03
CA GLU E 185 -2.72 20.85 -26.32
C GLU E 185 -3.60 21.50 -25.26
N LEU E 186 -3.47 21.10 -24.01
CA LEU E 186 -4.31 21.68 -22.99
C LEU E 186 -3.86 23.05 -22.47
N PRO E 187 -4.74 24.06 -22.58
CA PRO E 187 -4.34 25.38 -22.08
C PRO E 187 -4.30 25.38 -20.56
N MET E 188 -3.41 26.18 -19.98
CA MET E 188 -3.27 26.23 -18.55
C MET E 188 -3.16 27.63 -18.00
N VAL E 189 -3.81 27.87 -16.87
CA VAL E 189 -3.83 29.17 -16.20
C VAL E 189 -2.91 29.15 -14.97
N GLU E 190 -1.79 29.86 -15.08
CA GLU E 190 -0.83 29.93 -14.00
C GLU E 190 -1.15 31.02 -13.00
N ARG E 191 -1.46 32.21 -13.49
CA ARG E 191 -1.77 33.32 -12.61
C ARG E 191 -2.97 34.12 -13.13
N GLN E 192 -3.86 34.49 -12.22
CA GLN E 192 -5.03 35.28 -12.58
C GLN E 192 -4.91 36.67 -11.96
N ASP E 193 -5.15 37.70 -12.78
CA ASP E 193 -5.07 39.11 -12.38
C ASP E 193 -5.87 39.49 -11.13
N THR E 194 -7.15 39.11 -11.08
CA THR E 194 -8.00 39.41 -9.92
C THR E 194 -8.86 38.20 -9.57
N ASP E 195 -9.44 38.19 -8.39
CA ASP E 195 -10.25 37.03 -8.00
C ASP E 195 -11.69 37.34 -7.59
N SER E 196 -12.15 38.56 -7.83
CA SER E 196 -13.52 38.90 -7.45
C SER E 196 -13.96 40.28 -7.93
N CYS E 197 -15.17 40.66 -7.52
CA CYS E 197 -15.79 41.94 -7.85
C CYS E 197 -17.28 41.88 -7.55
N LEU E 198 -17.96 43.02 -7.62
CA LEU E 198 -19.39 43.06 -7.36
C LEU E 198 -20.12 42.31 -8.46
N VAL E 199 -21.34 41.85 -8.14
CA VAL E 199 -22.16 41.12 -9.11
C VAL E 199 -22.36 41.92 -10.39
N TYR E 200 -21.66 43.04 -10.49
CA TYR E 200 -21.73 43.90 -11.67
C TYR E 200 -20.80 43.37 -12.75
N GLY E 201 -19.51 43.37 -12.46
CA GLY E 201 -18.55 42.89 -13.43
C GLY E 201 -18.07 43.98 -14.37
N GLY E 202 -17.81 43.63 -15.62
CA GLY E 202 -17.33 44.60 -16.59
C GLY E 202 -15.84 44.84 -16.46
N GLN E 203 -15.32 44.68 -15.23
CA GLN E 203 -13.90 44.87 -14.94
C GLN E 203 -13.06 43.82 -15.65
N GLN E 204 -11.90 44.22 -16.15
CA GLN E 204 -11.04 43.30 -16.86
C GLN E 204 -10.12 42.50 -15.93
N MET E 205 -9.90 41.25 -16.31
CA MET E 205 -9.06 40.32 -15.55
C MET E 205 -8.08 39.67 -16.51
N ILE E 206 -6.79 39.81 -16.21
CA ILE E 206 -5.77 39.23 -17.06
C ILE E 206 -5.35 37.86 -16.54
N LEU E 207 -5.25 36.91 -17.47
CA LEU E 207 -4.87 35.54 -17.14
C LEU E 207 -3.52 35.24 -17.75
N THR E 208 -2.66 34.61 -16.97
CA THR E 208 -1.33 34.27 -17.45
C THR E 208 -1.17 32.75 -17.34
N GLY E 209 -1.02 32.12 -18.49
CA GLY E 209 -0.88 30.68 -18.53
C GLY E 209 -0.26 30.20 -19.82
N GLN E 210 -0.56 28.96 -20.22
CA GLN E 210 0.02 28.44 -21.45
C GLN E 210 -1.00 27.94 -22.48
N ASN E 211 -0.53 27.76 -23.70
CA ASN E 211 -1.34 27.28 -24.82
C ASN E 211 -2.61 28.06 -25.02
N PHE E 212 -2.50 29.37 -24.93
CA PHE E 212 -3.61 30.27 -25.12
C PHE E 212 -3.62 30.64 -26.59
N THR E 213 -4.71 30.35 -27.29
CA THR E 213 -4.79 30.63 -28.72
C THR E 213 -5.84 31.66 -29.08
N SER E 214 -5.97 31.90 -30.38
CA SER E 214 -6.92 32.86 -30.91
C SER E 214 -8.35 32.38 -30.70
N GLU E 215 -8.51 31.11 -30.33
CA GLU E 215 -9.84 30.54 -30.10
C GLU E 215 -10.05 30.20 -28.62
N SER E 216 -9.07 30.54 -27.79
CA SER E 216 -9.18 30.27 -26.36
C SER E 216 -10.37 31.00 -25.76
N LYS E 217 -11.46 30.27 -25.54
CA LYS E 217 -12.66 30.84 -24.95
C LYS E 217 -12.59 30.61 -23.45
N VAL E 218 -13.16 31.53 -22.68
CA VAL E 218 -13.21 31.36 -21.22
C VAL E 218 -14.68 31.19 -20.91
N VAL E 219 -14.99 30.50 -19.83
CA VAL E 219 -16.37 30.28 -19.44
C VAL E 219 -16.51 30.30 -17.94
N PHE E 220 -17.49 31.04 -17.44
CA PHE E 220 -17.71 31.06 -16.01
C PHE E 220 -18.82 30.06 -15.79
N THR E 221 -18.93 29.55 -14.58
CA THR E 221 -19.94 28.57 -14.24
C THR E 221 -20.18 28.62 -12.74
N GLU E 222 -21.30 28.01 -12.32
CA GLU E 222 -21.64 27.93 -10.91
C GLU E 222 -22.30 26.58 -10.73
N LYS E 223 -22.18 26.03 -9.52
CA LYS E 223 -22.78 24.73 -9.24
C LYS E 223 -23.01 24.59 -7.74
N THR E 224 -24.07 23.86 -7.38
CA THR E 224 -24.40 23.62 -5.99
C THR E 224 -23.38 22.69 -5.34
N THR E 225 -23.58 22.40 -4.05
CA THR E 225 -22.68 21.52 -3.31
C THR E 225 -22.75 20.07 -3.77
N ASP E 226 -23.71 19.75 -4.63
CA ASP E 226 -23.89 18.39 -5.14
C ASP E 226 -23.20 18.17 -6.49
N GLY E 227 -22.99 19.24 -7.24
CA GLY E 227 -22.33 19.11 -8.54
C GLY E 227 -23.18 19.56 -9.71
N GLN E 228 -24.49 19.68 -9.49
CA GLN E 228 -25.40 20.11 -10.53
C GLN E 228 -25.11 21.55 -10.93
N GLN E 229 -24.71 21.74 -12.19
CA GLN E 229 -24.42 23.06 -12.71
C GLN E 229 -25.72 23.86 -12.77
N ILE E 230 -25.67 25.13 -12.39
CA ILE E 230 -26.86 25.97 -12.41
C ILE E 230 -26.63 27.29 -13.13
N TRP E 231 -25.47 27.45 -13.75
CA TRP E 231 -25.16 28.67 -14.47
C TRP E 231 -23.97 28.50 -15.41
N GLU E 232 -24.14 28.96 -16.64
CA GLU E 232 -23.09 28.88 -17.64
C GLU E 232 -23.06 30.10 -18.55
N MET E 233 -22.13 31.00 -18.28
CA MET E 233 -21.95 32.23 -19.04
C MET E 233 -20.58 32.19 -19.76
N GLU E 234 -20.53 32.66 -20.99
CA GLU E 234 -19.27 32.66 -21.74
C GLU E 234 -18.55 34.01 -21.78
N ALA E 235 -17.92 34.38 -20.66
CA ALA E 235 -17.17 35.64 -20.55
C ALA E 235 -16.42 36.02 -21.84
N THR E 236 -16.40 37.31 -22.14
CA THR E 236 -15.74 37.81 -23.35
C THR E 236 -14.22 37.93 -23.21
N VAL E 237 -13.50 37.23 -24.08
CA VAL E 237 -12.03 37.23 -24.07
C VAL E 237 -11.50 38.04 -25.25
N ASP E 238 -10.25 38.49 -25.16
CA ASP E 238 -9.64 39.28 -26.23
C ASP E 238 -8.48 38.59 -26.95
N LYS E 239 -7.76 39.36 -27.75
CA LYS E 239 -6.62 38.83 -28.51
C LYS E 239 -5.51 39.89 -28.63
N ASP E 240 -4.33 39.58 -28.11
CA ASP E 240 -3.21 40.51 -28.15
C ASP E 240 -1.92 39.75 -28.56
N LYS E 241 -1.47 39.95 -29.79
CA LYS E 241 -0.28 39.27 -30.31
C LYS E 241 1.07 39.68 -29.72
N SER E 242 1.19 40.95 -29.35
CA SER E 242 2.44 41.44 -28.77
C SER E 242 2.60 40.75 -27.42
N GLN E 243 1.50 40.71 -26.67
CA GLN E 243 1.48 40.09 -25.35
C GLN E 243 1.52 38.58 -25.56
N PRO E 244 2.68 37.96 -25.29
CA PRO E 244 2.84 36.50 -25.46
C PRO E 244 1.87 35.54 -24.76
N ASN E 245 2.07 35.26 -23.47
CA ASN E 245 1.23 34.30 -22.77
C ASN E 245 0.21 34.84 -21.78
N MET E 246 -0.59 35.81 -22.21
CA MET E 246 -1.61 36.36 -21.33
C MET E 246 -2.96 36.40 -22.03
N LEU E 247 -4.02 36.58 -21.25
CA LEU E 247 -5.35 36.65 -21.81
C LEU E 247 -6.15 37.68 -21.03
N PHE E 248 -6.87 38.52 -21.78
CA PHE E 248 -7.68 39.59 -21.18
C PHE E 248 -9.15 39.27 -21.35
N VAL E 249 -9.82 38.99 -20.24
CA VAL E 249 -11.25 38.66 -20.28
C VAL E 249 -12.09 39.66 -19.50
N GLU E 250 -13.32 39.89 -19.96
CA GLU E 250 -14.23 40.81 -19.31
C GLU E 250 -15.21 40.06 -18.42
N ILE E 251 -15.03 40.17 -17.11
CA ILE E 251 -15.89 39.50 -16.15
C ILE E 251 -17.36 39.67 -16.51
N PRO E 252 -18.05 38.56 -16.79
CA PRO E 252 -19.47 38.68 -17.14
C PRO E 252 -20.23 39.08 -15.87
N GLU E 253 -21.51 39.38 -16.00
CA GLU E 253 -22.31 39.77 -14.83
C GLU E 253 -23.05 38.55 -14.30
N TYR E 254 -23.01 38.37 -12.99
CA TYR E 254 -23.67 37.23 -12.35
C TYR E 254 -25.15 37.26 -12.67
N ARG E 255 -25.78 36.08 -12.66
CA ARG E 255 -27.21 35.98 -12.96
C ARG E 255 -28.08 36.79 -12.01
N ASN E 256 -28.10 36.41 -10.73
CA ASN E 256 -28.89 37.11 -9.73
C ASN E 256 -28.09 38.29 -9.20
N LYS E 257 -28.42 39.48 -9.69
CA LYS E 257 -27.71 40.69 -9.26
C LYS E 257 -28.22 41.16 -7.91
N HIS E 258 -29.36 40.60 -7.48
CA HIS E 258 -29.97 40.96 -6.21
C HIS E 258 -29.59 39.97 -5.11
N ILE E 259 -28.30 39.91 -4.80
CA ILE E 259 -27.80 39.01 -3.78
C ILE E 259 -27.28 39.77 -2.57
N ARG E 260 -27.47 39.20 -1.38
CA ARG E 260 -27.03 39.84 -0.14
C ARG E 260 -25.82 39.18 0.51
N THR E 261 -25.34 38.10 -0.11
CA THR E 261 -24.18 37.38 0.40
C THR E 261 -23.25 37.08 -0.77
N PRO E 262 -21.94 37.05 -0.52
CA PRO E 262 -21.04 36.77 -1.64
C PRO E 262 -21.21 35.33 -2.10
N VAL E 263 -20.81 35.03 -3.33
CA VAL E 263 -20.91 33.66 -3.86
C VAL E 263 -19.57 33.13 -4.34
N LYS E 264 -19.58 31.88 -4.77
CA LYS E 264 -18.39 31.20 -5.29
C LYS E 264 -18.67 30.78 -6.72
N VAL E 265 -17.79 31.16 -7.63
CA VAL E 265 -17.93 30.84 -9.05
C VAL E 265 -16.64 30.18 -9.53
N ASN E 266 -16.70 29.52 -10.67
CA ASN E 266 -15.52 28.87 -11.24
C ASN E 266 -15.44 29.20 -12.72
N PHE E 267 -14.24 29.26 -13.25
CA PHE E 267 -14.06 29.56 -14.65
C PHE E 267 -12.86 28.81 -15.20
N TYR E 268 -12.98 28.39 -16.46
CA TYR E 268 -11.92 27.67 -17.11
C TYR E 268 -11.69 28.23 -18.50
N VAL E 269 -10.85 27.55 -19.27
CA VAL E 269 -10.51 27.96 -20.63
C VAL E 269 -10.68 26.74 -21.53
N ILE E 270 -11.19 26.96 -22.73
CA ILE E 270 -11.40 25.87 -23.67
C ILE E 270 -10.98 26.24 -25.09
N ASN E 271 -10.07 25.45 -25.65
CA ASN E 271 -9.57 25.67 -27.01
C ASN E 271 -10.30 24.83 -28.05
N GLY E 272 -10.92 23.73 -27.63
CA GLY E 272 -11.62 22.93 -28.61
C GLY E 272 -12.80 22.19 -28.03
N LYS E 273 -12.52 21.16 -27.25
CA LYS E 273 -13.55 20.35 -26.65
C LYS E 273 -12.94 19.56 -25.53
N ARG E 274 -11.90 18.81 -25.85
CA ARG E 274 -11.22 18.01 -24.85
C ARG E 274 -10.20 18.91 -24.18
N LYS E 275 -9.66 19.82 -24.96
CA LYS E 275 -8.68 20.77 -24.48
C LYS E 275 -9.35 21.78 -23.54
N ARG E 276 -9.41 21.45 -22.27
CA ARG E 276 -10.02 22.31 -21.25
C ARG E 276 -9.18 22.35 -19.97
N SER E 277 -8.92 23.56 -19.46
CA SER E 277 -8.15 23.77 -18.25
C SER E 277 -8.92 23.34 -17.02
N GLN E 278 -8.33 23.52 -15.86
CA GLN E 278 -9.01 23.13 -14.63
C GLN E 278 -9.88 24.28 -14.21
N PRO E 279 -10.82 24.04 -13.30
CA PRO E 279 -11.70 25.10 -12.83
C PRO E 279 -10.92 26.07 -11.95
N GLN E 280 -11.02 27.35 -12.27
CA GLN E 280 -10.32 28.38 -11.51
C GLN E 280 -11.30 29.02 -10.52
N HIS E 281 -10.79 29.57 -9.42
CA HIS E 281 -11.63 30.19 -8.39
C HIS E 281 -11.93 31.67 -8.60
N PHE E 282 -13.15 32.09 -8.23
CA PHE E 282 -13.57 33.48 -8.37
C PHE E 282 -14.80 33.70 -7.50
N THR E 283 -15.01 34.94 -7.07
CA THR E 283 -16.16 35.27 -6.23
C THR E 283 -16.82 36.60 -6.56
N TYR E 284 -18.15 36.60 -6.58
CA TYR E 284 -18.95 37.78 -6.88
C TYR E 284 -19.47 38.34 -5.57
N HIS E 285 -19.20 39.62 -5.33
CA HIS E 285 -19.63 40.29 -4.11
C HIS E 285 -20.94 41.09 -4.28
N PRO E 286 -21.71 41.24 -3.18
CA PRO E 286 -22.98 41.97 -3.19
C PRO E 286 -22.79 43.43 -3.66
N VAL E 287 -23.81 43.97 -4.33
CA VAL E 287 -23.75 45.33 -4.86
C VAL E 287 -23.39 46.37 -3.79
N ALA F 1 -7.04 10.86 17.71
CA ALA F 1 -6.55 10.40 16.38
C ALA F 1 -5.02 10.41 16.34
N SER F 2 -4.40 9.40 16.94
CA SER F 2 -2.94 9.30 16.97
C SER F 2 -2.39 9.03 15.58
N LEU F 3 -1.13 8.58 15.51
CA LEU F 3 -0.50 8.27 14.24
C LEU F 3 0.76 7.42 14.43
N PRO F 4 0.57 6.24 15.02
CA PRO F 4 1.67 5.31 15.24
C PRO F 4 1.64 4.26 14.12
N PRO F 5 2.71 4.20 13.31
CA PRO F 5 2.78 3.22 12.21
C PRO F 5 2.79 1.78 12.73
N LEU F 6 2.08 0.91 12.01
CA LEU F 6 1.98 -0.50 12.36
C LEU F 6 3.33 -1.23 12.41
N GLU F 7 4.24 -0.83 11.52
CA GLU F 7 5.55 -1.46 11.42
C GLU F 7 6.55 -1.12 12.52
N TRP F 8 6.20 -0.18 13.39
CA TRP F 8 7.11 0.20 14.47
C TRP F 8 6.87 -0.66 15.72
N PRO F 9 7.90 -1.41 16.16
CA PRO F 9 7.80 -2.27 17.35
C PRO F 9 7.31 -1.53 18.59
N LEU F 10 6.79 -2.29 19.55
CA LEU F 10 6.28 -1.75 20.81
C LEU F 10 6.30 -2.86 21.86
N SER F 11 6.59 -2.51 23.10
CA SER F 11 6.60 -3.51 24.16
C SER F 11 5.17 -3.74 24.63
N SER F 12 4.96 -4.87 25.29
CA SER F 12 3.64 -5.22 25.78
C SER F 12 3.30 -4.46 27.07
N GLN F 13 4.27 -3.70 27.60
CA GLN F 13 4.04 -2.95 28.83
C GLN F 13 5.02 -1.81 29.04
N SER F 14 4.55 -0.76 29.70
CA SER F 14 5.35 0.43 29.98
C SER F 14 4.73 1.17 31.15
N GLY F 15 5.55 1.54 32.12
CA GLY F 15 5.02 2.24 33.28
C GLY F 15 4.25 1.24 34.12
N SER F 16 3.11 1.67 34.65
CA SER F 16 2.28 0.79 35.45
C SER F 16 1.29 0.01 34.59
N TYR F 17 1.33 0.23 33.28
CA TYR F 17 0.44 -0.43 32.33
C TYR F 17 0.94 -1.76 31.74
N GLU F 18 0.00 -2.65 31.45
CA GLU F 18 0.30 -3.95 30.86
C GLU F 18 -0.87 -4.40 29.98
N LEU F 19 -0.58 -4.77 28.73
CA LEU F 19 -1.60 -5.22 27.80
C LEU F 19 -1.61 -6.76 27.73
N ARG F 20 -2.19 -7.40 28.73
CA ARG F 20 -2.27 -8.87 28.84
C ARG F 20 -3.03 -9.50 27.70
N ILE F 21 -3.06 -10.84 27.70
CA ILE F 21 -3.77 -11.60 26.69
C ILE F 21 -4.32 -12.85 27.37
N GLU F 22 -5.29 -12.63 28.24
CA GLU F 22 -5.94 -13.69 29.02
C GLU F 22 -6.01 -15.01 28.24
N VAL F 23 -7.12 -15.23 27.54
CA VAL F 23 -7.25 -16.45 26.79
C VAL F 23 -6.41 -16.30 25.52
N GLN F 24 -6.21 -17.39 24.81
CA GLN F 24 -5.41 -17.36 23.59
C GLN F 24 -6.21 -17.99 22.45
N PRO F 25 -5.86 -17.66 21.19
CA PRO F 25 -6.57 -18.23 20.03
C PRO F 25 -6.21 -19.71 19.90
N LYS F 26 -7.13 -20.54 19.45
CA LYS F 26 -6.79 -21.95 19.30
C LYS F 26 -5.73 -22.06 18.21
N PRO F 27 -5.26 -23.27 17.91
CA PRO F 27 -4.21 -23.43 16.89
C PRO F 27 -4.57 -23.28 15.42
N HIS F 28 -5.63 -23.93 14.98
CA HIS F 28 -6.06 -23.86 13.58
C HIS F 28 -7.29 -22.99 13.39
N HIS F 29 -7.37 -22.35 12.23
CA HIS F 29 -8.50 -21.49 11.89
C HIS F 29 -8.47 -21.12 10.41
N ARG F 30 -9.24 -21.87 9.63
CA ARG F 30 -9.37 -21.75 8.19
C ARG F 30 -9.90 -20.40 7.74
N ALA F 31 -9.02 -19.53 7.26
CA ALA F 31 -9.46 -18.22 6.81
C ALA F 31 -10.45 -18.46 5.66
N HIS F 32 -11.24 -17.42 5.36
CA HIS F 32 -12.21 -17.50 4.28
C HIS F 32 -11.82 -16.55 3.14
N TYR F 33 -12.06 -16.98 1.90
CA TYR F 33 -11.79 -16.17 0.73
C TYR F 33 -12.99 -15.27 0.40
N GLU F 34 -12.74 -14.20 -0.35
CA GLU F 34 -13.81 -13.29 -0.72
C GLU F 34 -14.89 -14.04 -1.51
N THR F 35 -14.49 -14.99 -2.35
CA THR F 35 -15.46 -15.75 -3.13
C THR F 35 -16.12 -16.83 -2.30
N GLU F 36 -16.29 -16.62 -1.00
CA GLU F 36 -16.99 -17.60 -0.20
C GLU F 36 -17.58 -17.03 1.09
N GLY F 37 -18.54 -17.75 1.67
CA GLY F 37 -19.18 -17.29 2.89
C GLY F 37 -18.21 -17.01 4.02
N SER F 38 -18.70 -16.39 5.08
CA SER F 38 -17.84 -16.10 6.22
C SER F 38 -17.57 -17.37 7.00
N ARG F 39 -16.38 -17.46 7.61
CA ARG F 39 -16.06 -18.66 8.39
C ARG F 39 -15.96 -18.33 9.86
N GLY F 40 -16.68 -17.29 10.26
CA GLY F 40 -16.69 -16.86 11.65
C GLY F 40 -15.48 -16.23 12.31
N ALA F 41 -15.62 -16.03 13.61
CA ALA F 41 -14.57 -15.44 14.42
C ALA F 41 -13.55 -16.49 14.80
N VAL F 42 -12.45 -16.00 15.41
CA VAL F 42 -11.35 -16.84 15.87
C VAL F 42 -11.70 -17.41 17.22
N LYS F 43 -12.02 -18.71 17.26
CA LYS F 43 -12.40 -19.36 18.50
C LYS F 43 -11.20 -19.64 19.39
N ALA F 44 -11.45 -19.89 20.67
CA ALA F 44 -10.40 -20.17 21.63
C ALA F 44 -10.32 -21.68 21.85
N PRO F 45 -9.20 -22.17 22.39
CA PRO F 45 -9.07 -23.62 22.62
C PRO F 45 -10.23 -24.14 23.46
N THR F 46 -10.55 -23.40 24.51
CA THR F 46 -11.62 -23.74 25.44
C THR F 46 -12.93 -24.03 24.72
N GLY F 47 -13.32 -23.12 23.85
CA GLY F 47 -14.55 -23.25 23.11
C GLY F 47 -15.12 -21.86 23.00
N GLY F 48 -14.58 -20.97 23.82
CA GLY F 48 -15.03 -19.59 23.83
C GLY F 48 -14.32 -18.73 22.80
N HIS F 49 -13.80 -17.59 23.25
CA HIS F 49 -13.10 -16.65 22.37
C HIS F 49 -11.90 -16.02 23.10
N PRO F 50 -10.95 -15.47 22.34
CA PRO F 50 -9.77 -14.83 22.94
C PRO F 50 -10.20 -13.71 23.87
N VAL F 51 -9.27 -13.22 24.69
CA VAL F 51 -9.58 -12.15 25.63
C VAL F 51 -8.33 -11.36 26.01
N VAL F 52 -8.42 -10.04 25.92
CA VAL F 52 -7.31 -9.17 26.27
C VAL F 52 -7.77 -8.17 27.31
N GLN F 53 -6.88 -7.85 28.25
CA GLN F 53 -7.19 -6.94 29.33
C GLN F 53 -6.01 -6.04 29.68
N LEU F 54 -6.30 -4.77 29.93
CA LEU F 54 -5.27 -3.81 30.30
C LEU F 54 -5.00 -4.04 31.78
N HIS F 55 -4.40 -3.08 32.46
CA HIS F 55 -4.13 -3.25 33.88
C HIS F 55 -3.85 -1.95 34.64
N GLY F 56 -2.77 -1.27 34.27
CA GLY F 56 -2.41 -0.02 34.94
C GLY F 56 -3.37 1.13 34.70
N TYR F 57 -4.32 0.95 33.79
CA TYR F 57 -5.30 1.99 33.51
C TYR F 57 -6.33 1.92 34.61
N MET F 58 -6.24 2.85 35.56
CA MET F 58 -7.19 2.87 36.67
C MET F 58 -8.11 4.09 36.61
N GLU F 59 -8.02 4.84 35.52
CA GLU F 59 -8.86 6.02 35.32
C GLU F 59 -10.21 5.45 34.91
N ASN F 60 -11.17 6.32 34.64
CA ASN F 60 -12.49 5.85 34.22
C ASN F 60 -12.87 6.48 32.89
N LYS F 61 -12.54 5.79 31.80
CA LYS F 61 -12.83 6.26 30.46
C LYS F 61 -12.42 5.15 29.49
N PRO F 62 -13.33 4.75 28.60
CA PRO F 62 -13.06 3.69 27.62
C PRO F 62 -11.82 3.96 26.77
N LEU F 63 -11.27 2.91 26.19
CA LEU F 63 -10.10 3.00 25.33
C LEU F 63 -10.25 2.11 24.10
N GLY F 64 -9.80 2.59 22.95
CA GLY F 64 -9.91 1.79 21.73
C GLY F 64 -8.78 0.78 21.62
N LEU F 65 -9.14 -0.49 21.72
CA LEU F 65 -8.20 -1.61 21.62
C LEU F 65 -8.17 -2.12 20.19
N GLN F 66 -7.07 -1.83 19.48
CA GLN F 66 -6.92 -2.22 18.08
C GLN F 66 -6.73 -3.69 17.82
N ILE F 67 -6.89 -4.09 16.54
CA ILE F 67 -6.74 -5.49 16.16
C ILE F 67 -6.42 -5.61 14.67
N PHE F 68 -5.32 -6.28 14.35
CA PHE F 68 -4.99 -6.49 12.96
C PHE F 68 -4.21 -7.78 12.90
N ILE F 69 -4.35 -8.51 11.80
CA ILE F 69 -3.67 -9.78 11.62
C ILE F 69 -2.24 -9.50 11.27
N GLY F 70 -1.33 -9.91 12.14
CA GLY F 70 0.08 -9.66 11.90
C GLY F 70 0.81 -10.87 11.35
N THR F 71 2.02 -10.63 10.87
CA THR F 71 2.83 -11.71 10.33
C THR F 71 3.32 -12.58 11.48
N ALA F 72 3.76 -13.79 11.18
CA ALA F 72 4.24 -14.70 12.22
C ALA F 72 5.49 -15.46 11.85
N ASP F 73 6.26 -14.96 10.90
CA ASP F 73 7.49 -15.63 10.49
C ASP F 73 8.58 -15.31 11.49
N GLU F 74 9.82 -15.67 11.16
CA GLU F 74 10.93 -15.40 12.06
C GLU F 74 11.11 -13.90 12.31
N ARG F 75 11.40 -13.16 11.23
CA ARG F 75 11.61 -11.71 11.28
C ARG F 75 10.65 -11.01 12.23
N ILE F 76 10.95 -9.74 12.53
CA ILE F 76 10.11 -8.98 13.46
C ILE F 76 8.65 -8.94 13.01
N LEU F 77 7.80 -8.41 13.87
CA LEU F 77 6.37 -8.34 13.60
C LEU F 77 6.00 -7.25 12.61
N LYS F 78 5.05 -7.57 11.74
CA LYS F 78 4.56 -6.61 10.75
C LYS F 78 3.24 -7.12 10.14
N PRO F 79 2.41 -6.19 9.65
CA PRO F 79 1.14 -6.58 9.04
C PRO F 79 1.35 -7.65 7.97
N HIS F 80 0.56 -8.73 8.01
CA HIS F 80 0.67 -9.81 7.02
C HIS F 80 -0.12 -9.42 5.77
N ALA F 81 0.55 -8.90 4.77
CA ALA F 81 -0.10 -8.45 3.55
C ALA F 81 -1.04 -9.45 2.84
N PHE F 82 -1.04 -10.70 3.29
CA PHE F 82 -1.89 -11.72 2.67
C PHE F 82 -3.13 -12.11 3.46
N TYR F 83 -3.34 -11.46 4.61
CA TYR F 83 -4.48 -11.71 5.47
C TYR F 83 -5.00 -10.40 6.02
N GLN F 84 -6.31 -10.31 6.16
CA GLN F 84 -6.91 -9.11 6.74
C GLN F 84 -7.82 -9.53 7.86
N VAL F 85 -7.96 -8.71 8.90
CA VAL F 85 -8.87 -9.06 9.97
C VAL F 85 -10.24 -8.75 9.38
N HIS F 86 -11.20 -9.65 9.60
CA HIS F 86 -12.54 -9.48 9.05
C HIS F 86 -13.62 -9.35 10.11
N ARG F 87 -14.25 -8.18 10.14
CA ARG F 87 -15.28 -7.85 11.11
C ARG F 87 -16.55 -8.64 10.91
N ILE F 88 -17.04 -9.25 11.98
CA ILE F 88 -18.26 -10.03 11.98
C ILE F 88 -19.24 -9.27 12.86
N THR F 89 -20.53 -9.33 12.53
CA THR F 89 -21.51 -8.59 13.32
C THR F 89 -22.86 -9.25 13.53
N GLY F 90 -23.67 -8.62 14.40
CA GLY F 90 -25.01 -9.10 14.69
C GLY F 90 -25.20 -10.27 15.65
N LYS F 91 -26.01 -11.23 15.19
CA LYS F 91 -26.40 -12.44 15.92
C LYS F 91 -25.45 -12.99 16.97
N THR F 92 -24.50 -13.82 16.53
CA THR F 92 -23.52 -14.44 17.41
C THR F 92 -22.31 -13.54 17.70
N VAL F 93 -22.57 -12.29 18.08
CA VAL F 93 -21.52 -11.35 18.40
C VAL F 93 -21.96 -10.40 19.50
N THR F 94 -21.14 -10.24 20.53
CA THR F 94 -21.47 -9.36 21.64
C THR F 94 -20.46 -8.23 21.81
N THR F 95 -19.68 -7.97 20.77
CA THR F 95 -18.67 -6.92 20.87
C THR F 95 -18.79 -5.88 19.77
N THR F 96 -19.19 -4.67 20.15
CA THR F 96 -19.32 -3.57 19.19
C THR F 96 -17.95 -3.32 18.53
N SER F 97 -17.94 -3.29 17.20
CA SER F 97 -16.69 -3.11 16.48
C SER F 97 -16.67 -1.96 15.48
N TYR F 98 -15.52 -1.30 15.43
CA TYR F 98 -15.27 -0.18 14.54
C TYR F 98 -14.21 -0.71 13.57
N GLU F 99 -14.33 -0.39 12.28
CA GLU F 99 -13.38 -0.89 11.27
C GLU F 99 -12.61 0.20 10.51
N LYS F 100 -11.33 0.40 10.86
CA LYS F 100 -10.49 1.40 10.19
C LYS F 100 -9.78 0.77 9.02
N ILE F 101 -8.65 1.37 8.65
CA ILE F 101 -7.82 0.90 7.55
C ILE F 101 -6.58 1.79 7.47
N VAL F 102 -5.41 1.19 7.68
CA VAL F 102 -4.16 1.92 7.65
C VAL F 102 -3.22 1.36 6.59
N GLY F 103 -2.88 2.19 5.60
CA GLY F 103 -2.01 1.75 4.53
C GLY F 103 -2.73 0.70 3.71
N ASN F 104 -2.38 -0.56 3.92
CA ASN F 104 -3.03 -1.65 3.21
C ASN F 104 -3.54 -2.65 4.23
N THR F 105 -3.38 -2.31 5.51
CA THR F 105 -3.81 -3.20 6.57
C THR F 105 -5.14 -2.78 7.18
N LYS F 106 -6.07 -3.72 7.19
CA LYS F 106 -7.40 -3.51 7.74
C LYS F 106 -7.23 -3.63 9.26
N VAL F 107 -7.83 -2.71 10.01
CA VAL F 107 -7.72 -2.75 11.46
C VAL F 107 -9.11 -2.70 12.07
N LEU F 108 -9.32 -3.55 13.07
CA LEU F 108 -10.59 -3.67 13.78
C LEU F 108 -10.52 -3.12 15.21
N GLU F 109 -11.14 -1.97 15.45
CA GLU F 109 -11.12 -1.37 16.77
C GLU F 109 -12.26 -1.80 17.68
N ILE F 110 -11.91 -2.39 18.82
CA ILE F 110 -12.87 -2.86 19.79
C ILE F 110 -12.72 -2.02 21.04
N PRO F 111 -13.83 -1.77 21.77
CA PRO F 111 -13.66 -0.96 22.97
C PRO F 111 -13.38 -1.73 24.26
N LEU F 112 -12.52 -1.15 25.09
CA LEU F 112 -12.18 -1.70 26.41
C LEU F 112 -12.81 -0.70 27.36
N GLU F 113 -13.80 -1.14 28.13
CA GLU F 113 -14.48 -0.23 29.04
C GLU F 113 -14.30 -0.54 30.52
N PRO F 114 -14.00 0.50 31.34
CA PRO F 114 -13.79 0.39 32.78
C PRO F 114 -14.86 -0.47 33.44
N LYS F 115 -16.02 -0.55 32.81
CA LYS F 115 -17.13 -1.35 33.31
C LYS F 115 -16.68 -2.79 33.54
N ASN F 116 -15.96 -3.32 32.56
CA ASN F 116 -15.47 -4.69 32.60
C ASN F 116 -14.00 -4.74 33.00
N ASN F 117 -13.49 -3.63 33.52
CA ASN F 117 -12.09 -3.53 33.93
C ASN F 117 -11.13 -3.64 32.73
N MET F 118 -11.47 -2.96 31.64
CA MET F 118 -10.64 -2.99 30.44
C MET F 118 -10.35 -4.42 29.97
N ARG F 119 -11.38 -5.25 29.92
CA ARG F 119 -11.24 -6.64 29.49
C ARG F 119 -12.22 -6.98 28.36
N ALA F 120 -11.75 -6.91 27.12
CA ALA F 120 -12.61 -7.19 25.96
C ALA F 120 -12.53 -8.67 25.56
N THR F 121 -13.67 -9.25 25.19
CA THR F 121 -13.72 -10.64 24.77
C THR F 121 -13.82 -10.73 23.26
N ILE F 122 -12.68 -10.63 22.59
CA ILE F 122 -12.59 -10.70 21.14
C ILE F 122 -13.40 -11.85 20.53
N ASP F 123 -14.63 -11.57 20.11
CA ASP F 123 -15.48 -12.59 19.52
C ASP F 123 -16.07 -12.15 18.19
N CYS F 124 -15.51 -11.05 17.65
CA CYS F 124 -15.98 -10.50 16.39
C CYS F 124 -14.89 -10.42 15.35
N ALA F 125 -13.74 -11.03 15.62
CA ALA F 125 -12.62 -10.99 14.69
C ALA F 125 -12.55 -12.24 13.84
N GLY F 126 -12.53 -12.06 12.52
CA GLY F 126 -12.45 -13.19 11.60
C GLY F 126 -11.24 -12.97 10.74
N ILE F 127 -10.97 -13.89 9.83
CA ILE F 127 -9.82 -13.75 8.96
C ILE F 127 -10.12 -13.99 7.48
N LEU F 128 -9.76 -12.98 6.68
CA LEU F 128 -9.97 -13.02 5.24
C LEU F 128 -8.61 -13.27 4.56
N LYS F 129 -8.60 -14.18 3.61
CA LYS F 129 -7.38 -14.50 2.89
C LYS F 129 -7.44 -13.85 1.52
N LEU F 130 -6.42 -13.08 1.16
CA LEU F 130 -6.39 -12.39 -0.13
C LEU F 130 -5.72 -13.35 -1.10
N ARG F 131 -6.01 -13.23 -2.38
CA ARG F 131 -5.40 -14.14 -3.34
C ARG F 131 -3.96 -13.67 -3.52
N ASN F 132 -3.03 -14.60 -3.71
CA ASN F 132 -1.63 -14.24 -3.85
C ASN F 132 -1.28 -13.45 -5.10
N ALA F 133 -1.86 -13.85 -6.22
CA ALA F 133 -1.57 -13.18 -7.46
C ALA F 133 -1.81 -11.69 -7.38
N ASP F 134 -2.78 -11.26 -6.59
CA ASP F 134 -3.08 -9.83 -6.46
C ASP F 134 -2.23 -9.09 -5.43
N ILE F 135 -1.64 -9.80 -4.48
CA ILE F 135 -0.83 -9.17 -3.45
C ILE F 135 0.63 -9.10 -3.84
N GLU F 136 1.14 -10.17 -4.46
CA GLU F 136 2.54 -10.19 -4.89
C GLU F 136 2.69 -9.18 -6.02
N LEU F 137 1.77 -9.24 -6.98
CA LEU F 137 1.77 -8.34 -8.13
C LEU F 137 1.48 -6.87 -7.78
N ARG F 138 2.01 -6.42 -6.65
CA ARG F 138 1.84 -5.02 -6.26
C ARG F 138 3.17 -4.33 -6.46
N LYS F 139 3.14 -3.18 -7.13
CA LYS F 139 4.34 -2.39 -7.45
C LYS F 139 5.52 -2.48 -6.48
N GLY F 140 5.26 -2.55 -5.17
CA GLY F 140 6.35 -2.61 -4.22
C GLY F 140 6.57 -3.86 -3.37
N GLU F 141 5.49 -4.52 -2.98
CA GLU F 141 5.55 -5.74 -2.16
C GLU F 141 6.50 -6.83 -2.66
N THR F 142 7.50 -7.18 -1.83
CA THR F 142 8.47 -8.21 -2.18
C THR F 142 8.27 -9.45 -1.31
N ASP F 143 7.16 -9.51 -0.60
CA ASP F 143 6.88 -10.66 0.26
C ASP F 143 6.48 -11.88 -0.55
N ILE F 144 6.66 -13.07 0.02
CA ILE F 144 6.36 -14.32 -0.69
C ILE F 144 4.87 -14.64 -0.89
N GLY F 145 4.27 -15.39 0.05
CA GLY F 145 2.87 -15.78 -0.06
C GLY F 145 2.66 -17.28 -0.22
N ARG F 146 3.45 -17.94 -1.06
CA ARG F 146 3.30 -19.39 -1.26
C ARG F 146 3.84 -20.12 -0.02
N LYS F 147 2.99 -20.98 0.55
CA LYS F 147 3.33 -21.75 1.76
C LYS F 147 3.43 -20.81 2.94
N ASN F 148 3.07 -19.55 2.72
CA ASN F 148 3.08 -18.50 3.74
C ASN F 148 1.65 -18.38 4.32
N THR F 149 1.27 -19.27 5.23
CA THR F 149 -0.09 -19.22 5.74
C THR F 149 -0.27 -19.26 7.26
N ARG F 150 0.62 -18.62 8.01
CA ARG F 150 0.51 -18.61 9.48
C ARG F 150 0.40 -17.18 9.96
N VAL F 151 -0.50 -16.89 10.88
CA VAL F 151 -0.66 -15.50 11.34
C VAL F 151 -0.68 -15.36 12.85
N ARG F 152 -0.71 -14.10 13.28
CA ARG F 152 -0.72 -13.73 14.69
C ARG F 152 -1.71 -12.59 14.92
N LEU F 153 -2.69 -12.82 15.79
CA LEU F 153 -3.63 -11.75 16.12
C LEU F 153 -2.80 -10.73 16.87
N VAL F 154 -2.71 -9.51 16.35
CA VAL F 154 -1.93 -8.49 17.05
C VAL F 154 -2.89 -7.52 17.72
N PHE F 155 -2.57 -7.09 18.95
CA PHE F 155 -3.40 -6.14 19.68
C PHE F 155 -2.56 -4.93 20.03
N ARG F 156 -3.19 -3.75 19.99
CA ARG F 156 -2.49 -2.51 20.27
C ARG F 156 -3.44 -1.49 20.90
N VAL F 157 -2.91 -0.66 21.80
CA VAL F 157 -3.73 0.33 22.48
C VAL F 157 -2.94 1.61 22.77
N HIS F 158 -3.65 2.73 22.87
CA HIS F 158 -3.00 3.99 23.13
C HIS F 158 -3.51 4.66 24.40
N ILE F 159 -2.90 4.38 25.53
CA ILE F 159 -3.35 5.02 26.76
C ILE F 159 -2.86 6.46 26.76
N PRO F 160 -3.77 7.43 26.93
CA PRO F 160 -3.33 8.83 26.94
C PRO F 160 -2.75 9.17 28.31
N GLU F 161 -1.62 9.88 28.34
CA GLU F 161 -0.99 10.25 29.60
C GLU F 161 -1.25 11.72 29.91
N SER F 162 -1.68 12.00 31.14
CA SER F 162 -2.01 13.35 31.58
C SER F 162 -0.88 14.36 31.35
N SER F 163 0.23 13.88 30.82
CA SER F 163 1.40 14.71 30.53
C SER F 163 1.35 15.25 29.10
N GLY F 164 0.54 14.59 28.28
CA GLY F 164 0.42 15.00 26.89
C GLY F 164 1.24 14.04 26.05
N ARG F 165 1.48 12.85 26.61
CA ARG F 165 2.26 11.82 25.92
C ARG F 165 1.42 10.58 25.66
N ILE F 166 1.25 10.23 24.37
CA ILE F 166 0.49 9.05 23.98
C ILE F 166 1.35 7.80 24.23
N VAL F 167 0.95 6.98 25.19
CA VAL F 167 1.70 5.77 25.52
C VAL F 167 1.16 4.54 24.79
N SER F 168 1.91 4.02 23.83
CA SER F 168 1.46 2.87 23.06
C SER F 168 1.95 1.51 23.57
N LEU F 169 1.03 0.59 23.77
CA LEU F 169 1.35 -0.76 24.23
C LEU F 169 0.74 -1.71 23.21
N GLN F 170 1.40 -2.83 22.97
CA GLN F 170 0.91 -3.78 21.99
C GLN F 170 1.33 -5.17 22.37
N THR F 171 0.64 -6.18 21.83
CA THR F 171 0.99 -7.56 22.10
C THR F 171 0.35 -8.53 21.12
N ALA F 172 1.18 -9.41 20.57
CA ALA F 172 0.74 -10.40 19.60
C ALA F 172 0.24 -11.65 20.30
N SER F 173 -0.45 -12.50 19.53
CA SER F 173 -0.99 -13.74 20.05
C SER F 173 -0.05 -14.84 19.61
N ASN F 174 -0.43 -16.10 19.85
CA ASN F 174 0.41 -17.19 19.39
C ASN F 174 0.00 -17.37 17.94
N PRO F 175 0.85 -17.99 17.13
CA PRO F 175 0.52 -18.19 15.72
C PRO F 175 -0.65 -19.12 15.43
N ILE F 176 -1.44 -18.74 14.41
CA ILE F 176 -2.58 -19.53 13.96
C ILE F 176 -2.25 -19.94 12.54
N GLU F 177 -2.66 -21.15 12.16
CA GLU F 177 -2.44 -21.66 10.80
C GLU F 177 -3.79 -21.48 10.13
N CYS F 178 -3.83 -20.76 9.02
CA CYS F 178 -5.10 -20.52 8.39
C CYS F 178 -5.44 -21.40 7.21
N SER F 179 -4.48 -22.18 6.74
CA SER F 179 -4.76 -23.05 5.59
C SER F 179 -5.55 -24.30 5.96
N GLN F 180 -6.53 -24.64 5.13
CA GLN F 180 -7.33 -25.84 5.34
C GLN F 180 -6.39 -27.04 5.30
N ARG F 181 -5.62 -27.13 4.21
CA ARG F 181 -4.69 -28.22 3.98
C ARG F 181 -3.56 -28.29 4.99
N SER F 182 -2.82 -27.19 5.15
CA SER F 182 -1.69 -27.17 6.10
C SER F 182 -2.17 -27.25 7.53
N ALA F 183 -3.35 -27.84 7.72
CA ALA F 183 -3.93 -27.99 9.05
C ALA F 183 -4.19 -29.47 9.25
N HIS F 184 -4.34 -30.17 8.12
CA HIS F 184 -4.59 -31.60 8.12
C HIS F 184 -3.30 -32.38 8.01
N GLU F 185 -2.34 -31.84 7.28
CA GLU F 185 -1.10 -32.53 7.08
C GLU F 185 0.13 -32.14 7.90
N LEU F 186 0.36 -30.85 8.16
CA LEU F 186 1.53 -30.45 8.93
C LEU F 186 1.26 -30.78 10.37
N PRO F 187 2.09 -31.69 10.92
CA PRO F 187 1.93 -32.08 12.32
C PRO F 187 2.29 -30.84 13.11
N MET F 188 1.66 -30.62 14.25
CA MET F 188 1.97 -29.42 15.00
C MET F 188 2.16 -29.75 16.46
N VAL F 189 3.11 -29.08 17.09
CA VAL F 189 3.43 -29.29 18.49
C VAL F 189 2.90 -28.14 19.33
N GLU F 190 1.89 -28.40 20.15
CA GLU F 190 1.31 -27.37 21.00
C GLU F 190 2.02 -27.24 22.35
N ARG F 191 2.30 -28.38 22.99
CA ARG F 191 2.97 -28.36 24.29
C ARG F 191 4.04 -29.45 24.34
N GLN F 192 5.18 -29.13 24.97
CA GLN F 192 6.26 -30.10 25.13
C GLN F 192 6.45 -30.34 26.62
N ASP F 193 6.55 -31.61 26.99
CA ASP F 193 6.69 -32.04 28.38
C ASP F 193 7.84 -31.40 29.17
N THR F 194 9.03 -31.39 28.57
CA THR F 194 10.22 -30.82 29.20
C THR F 194 11.05 -30.06 28.16
N ASP F 195 11.92 -29.16 28.62
CA ASP F 195 12.71 -28.39 27.67
C ASP F 195 14.22 -28.48 27.84
N SER F 196 14.70 -29.46 28.61
CA SER F 196 16.14 -29.62 28.78
C SER F 196 16.54 -30.88 29.55
N CYS F 197 17.85 -31.03 29.72
CA CYS F 197 18.42 -32.15 30.44
C CYS F 197 19.92 -32.20 30.16
N LEU F 198 20.64 -33.00 30.94
CA LEU F 198 22.08 -33.14 30.76
C LEU F 198 22.42 -33.71 29.40
N VAL F 199 23.64 -33.48 28.94
CA VAL F 199 24.05 -33.99 27.64
C VAL F 199 23.93 -35.50 27.58
N TYR F 200 23.33 -36.07 28.61
CA TYR F 200 23.15 -37.51 28.69
C TYR F 200 21.90 -37.89 27.92
N GLY F 201 20.76 -37.40 28.38
CA GLY F 201 19.51 -37.73 27.71
C GLY F 201 18.88 -38.99 28.28
N GLY F 202 18.21 -39.76 27.42
CA GLY F 202 17.55 -40.97 27.86
C GLY F 202 16.20 -40.68 28.51
N GLN F 203 16.06 -39.51 29.11
CA GLN F 203 14.81 -39.12 29.76
C GLN F 203 13.69 -38.96 28.71
N GLN F 204 12.48 -39.34 29.07
CA GLN F 204 11.38 -39.24 28.14
C GLN F 204 10.68 -37.89 28.14
N MET F 205 10.32 -37.43 26.95
CA MET F 205 9.64 -36.15 26.77
C MET F 205 8.34 -36.39 26.02
N ILE F 206 7.24 -35.88 26.55
CA ILE F 206 5.96 -36.04 25.88
C ILE F 206 5.59 -34.79 25.09
N LEU F 207 5.24 -34.98 23.82
CA LEU F 207 4.83 -33.88 22.97
C LEU F 207 3.31 -33.91 22.79
N THR F 208 2.67 -32.74 22.83
CA THR F 208 1.24 -32.64 22.67
C THR F 208 0.88 -31.64 21.57
N GLY F 209 0.35 -32.15 20.47
CA GLY F 209 -0.03 -31.31 19.35
C GLY F 209 -0.99 -32.02 18.42
N GLN F 210 -0.92 -31.77 17.12
CA GLN F 210 -1.85 -32.41 16.19
C GLN F 210 -1.19 -33.12 15.05
N ASN F 211 -1.99 -33.91 14.35
CA ASN F 211 -1.58 -34.68 13.19
C ASN F 211 -0.34 -35.54 13.40
N PHE F 212 -0.29 -36.20 14.55
CA PHE F 212 0.81 -37.08 14.88
C PHE F 212 0.32 -38.43 14.38
N THR F 213 1.14 -39.09 13.57
CA THR F 213 0.78 -40.41 13.02
C THR F 213 1.74 -41.52 13.44
N SER F 214 1.51 -42.71 12.92
CA SER F 214 2.35 -43.85 13.24
C SER F 214 3.73 -43.69 12.62
N GLU F 215 3.88 -42.74 11.71
CA GLU F 215 5.17 -42.50 11.07
C GLU F 215 5.77 -41.16 11.48
N SER F 216 5.13 -40.48 12.44
CA SER F 216 5.62 -39.21 12.92
C SER F 216 7.01 -39.38 13.52
N LYS F 217 8.04 -38.97 12.79
CA LYS F 217 9.43 -39.06 13.24
C LYS F 217 9.83 -37.73 13.87
N VAL F 218 10.64 -37.78 14.93
CA VAL F 218 11.11 -36.56 15.57
C VAL F 218 12.57 -36.42 15.21
N VAL F 219 13.06 -35.20 15.13
CA VAL F 219 14.45 -35.01 14.79
C VAL F 219 15.02 -33.84 15.54
N PHE F 220 16.18 -34.06 16.15
CA PHE F 220 16.90 -33.03 16.89
C PHE F 220 17.96 -32.49 15.96
N THR F 221 18.21 -31.18 16.02
CA THR F 221 19.20 -30.53 15.15
C THR F 221 19.90 -29.33 15.81
N GLU F 222 21.11 -29.05 15.35
CA GLU F 222 21.87 -27.94 15.89
C GLU F 222 22.43 -27.17 14.71
N LYS F 223 22.62 -25.87 14.89
CA LYS F 223 23.16 -25.03 13.84
C LYS F 223 23.80 -23.79 14.45
N THR F 224 24.85 -23.29 13.80
CA THR F 224 25.56 -22.11 14.27
C THR F 224 24.71 -20.86 14.09
N THR F 225 25.28 -19.70 14.44
CA THR F 225 24.56 -18.43 14.32
C THR F 225 24.34 -18.02 12.86
N ASP F 226 25.02 -18.69 11.94
CA ASP F 226 24.90 -18.38 10.52
C ASP F 226 23.81 -19.19 9.80
N GLY F 227 23.48 -20.36 10.34
CA GLY F 227 22.45 -21.20 9.73
C GLY F 227 22.95 -22.56 9.30
N GLN F 228 24.27 -22.73 9.21
CA GLN F 228 24.86 -24.00 8.81
C GLN F 228 24.58 -25.08 9.86
N GLN F 229 23.87 -26.13 9.47
CA GLN F 229 23.56 -27.22 10.37
C GLN F 229 24.85 -27.98 10.64
N ILE F 230 25.04 -28.38 11.90
CA ILE F 230 26.24 -29.10 12.31
C ILE F 230 25.93 -30.39 13.07
N TRP F 231 24.65 -30.71 13.24
CA TRP F 231 24.23 -31.91 13.95
C TRP F 231 22.80 -32.33 13.63
N GLU F 232 22.62 -33.61 13.29
CA GLU F 232 21.30 -34.13 12.96
C GLU F 232 21.14 -35.54 13.52
N MET F 233 20.36 -35.65 14.59
CA MET F 233 20.09 -36.93 15.24
C MET F 233 18.59 -37.22 15.18
N GLU F 234 18.22 -38.49 14.96
CA GLU F 234 16.80 -38.86 14.90
C GLU F 234 16.28 -39.47 16.20
N ALA F 235 15.91 -38.62 17.16
CA ALA F 235 15.38 -39.07 18.45
C ALA F 235 14.35 -40.18 18.29
N THR F 236 14.39 -41.16 19.18
CA THR F 236 13.49 -42.30 19.13
C THR F 236 12.15 -42.02 19.78
N VAL F 237 11.09 -42.39 19.06
CA VAL F 237 9.72 -42.23 19.54
C VAL F 237 9.26 -43.59 20.03
N ASP F 238 8.36 -43.59 21.00
CA ASP F 238 7.84 -44.85 21.51
C ASP F 238 6.53 -45.13 20.77
N LYS F 239 6.62 -45.91 19.70
CA LYS F 239 5.45 -46.26 18.91
C LYS F 239 4.39 -46.95 19.75
N ASP F 240 4.71 -47.25 21.01
CA ASP F 240 3.79 -47.91 21.93
C ASP F 240 2.94 -46.81 22.57
N LYS F 241 1.68 -47.13 22.87
CA LYS F 241 0.78 -46.16 23.49
C LYS F 241 1.00 -44.75 22.90
N SER F 242 1.03 -44.66 21.58
CA SER F 242 1.22 -43.38 20.89
C SER F 242 -0.09 -42.85 20.34
N GLN F 243 -0.87 -42.22 21.21
CA GLN F 243 -2.16 -41.64 20.84
C GLN F 243 -2.05 -40.64 19.69
N PRO F 244 -3.19 -40.28 19.09
CA PRO F 244 -3.26 -39.33 17.97
C PRO F 244 -2.73 -37.91 18.25
N ASN F 245 -2.79 -37.49 19.52
CA ASN F 245 -2.31 -36.15 19.90
C ASN F 245 -1.00 -36.08 20.69
N MET F 246 -0.73 -37.05 21.55
CA MET F 246 0.51 -37.04 22.33
C MET F 246 1.59 -37.93 21.69
N LEU F 247 2.85 -37.58 21.92
CA LEU F 247 3.96 -38.34 21.37
C LEU F 247 5.03 -38.48 22.45
N PHE F 248 5.51 -39.70 22.63
CA PHE F 248 6.56 -39.97 23.63
C PHE F 248 7.89 -40.20 22.92
N VAL F 249 8.84 -39.29 23.12
CA VAL F 249 10.14 -39.43 22.49
C VAL F 249 11.25 -39.51 23.52
N GLU F 250 12.30 -40.26 23.17
CA GLU F 250 13.47 -40.42 24.05
C GLU F 250 14.60 -39.47 23.62
N ILE F 251 14.81 -38.43 24.42
CA ILE F 251 15.85 -37.45 24.15
C ILE F 251 17.16 -38.14 23.77
N PRO F 252 17.63 -37.93 22.53
CA PRO F 252 18.89 -38.59 22.16
C PRO F 252 20.01 -37.96 23.00
N GLU F 253 21.24 -38.44 22.83
CA GLU F 253 22.37 -37.86 23.56
C GLU F 253 23.14 -36.91 22.65
N TYR F 254 23.43 -35.71 23.16
CA TYR F 254 24.17 -34.70 22.41
C TYR F 254 25.49 -35.27 21.89
N ARG F 255 26.00 -34.71 20.79
CA ARG F 255 27.25 -35.18 20.20
C ARG F 255 28.44 -35.07 21.14
N ASN F 256 28.77 -33.85 21.53
CA ASN F 256 29.89 -33.60 22.43
C ASN F 256 29.41 -33.67 23.89
N LYS F 257 29.66 -34.80 24.54
CA LYS F 257 29.25 -34.99 25.93
C LYS F 257 30.19 -34.27 26.90
N HIS F 258 31.32 -33.81 26.39
CA HIS F 258 32.30 -33.11 27.22
C HIS F 258 32.18 -31.61 27.03
N ILE F 259 31.04 -31.05 27.42
CA ILE F 259 30.81 -29.61 27.28
C ILE F 259 30.74 -28.93 28.65
N ARG F 260 31.23 -27.69 28.75
CA ARG F 260 31.25 -26.97 30.03
C ARG F 260 30.26 -25.83 30.12
N THR F 261 29.49 -25.65 29.06
CA THR F 261 28.49 -24.60 28.99
C THR F 261 27.23 -25.20 28.36
N PRO F 262 26.04 -24.69 28.74
CA PRO F 262 24.83 -25.25 28.13
C PRO F 262 24.73 -24.87 26.67
N VAL F 263 23.93 -25.62 25.90
CA VAL F 263 23.76 -25.32 24.48
C VAL F 263 22.30 -25.18 24.13
N LYS F 264 22.05 -24.79 22.89
CA LYS F 264 20.70 -24.60 22.39
C LYS F 264 20.54 -25.57 21.23
N VAL F 265 19.44 -26.32 21.25
CA VAL F 265 19.14 -27.28 20.22
C VAL F 265 17.70 -27.06 19.69
N ASN F 266 17.40 -27.65 18.55
CA ASN F 266 16.06 -27.54 17.99
C ASN F 266 15.56 -28.90 17.51
N PHE F 267 14.26 -29.13 17.65
CA PHE F 267 13.67 -30.38 17.19
C PHE F 267 12.31 -30.13 16.56
N TYR F 268 11.99 -30.93 15.55
CA TYR F 268 10.71 -30.83 14.87
C TYR F 268 10.13 -32.22 14.66
N VAL F 269 9.02 -32.29 13.94
CA VAL F 269 8.36 -33.55 13.66
C VAL F 269 8.11 -33.62 12.15
N ILE F 270 8.33 -34.78 11.58
CA ILE F 270 8.13 -34.94 10.15
C ILE F 270 7.34 -36.20 9.83
N ASN F 271 6.22 -36.04 9.11
CA ASN F 271 5.39 -37.18 8.76
C ASN F 271 5.74 -37.74 7.40
N GLY F 272 6.29 -36.91 6.52
CA GLY F 272 6.63 -37.37 5.19
C GLY F 272 7.86 -36.74 4.57
N LYS F 273 7.74 -35.48 4.17
CA LYS F 273 8.85 -34.76 3.55
C LYS F 273 8.54 -33.27 3.66
N ARG F 274 7.40 -32.87 3.10
CA ARG F 274 6.97 -31.48 3.14
C ARG F 274 6.27 -31.25 4.48
N LYS F 275 5.58 -32.28 4.95
CA LYS F 275 4.85 -32.26 6.21
C LYS F 275 5.82 -32.22 7.38
N ARG F 276 6.23 -31.01 7.75
CA ARG F 276 7.17 -30.80 8.84
C ARG F 276 6.78 -29.63 9.73
N SER F 277 6.79 -29.83 11.04
CA SER F 277 6.44 -28.77 11.99
C SER F 277 7.51 -27.70 12.04
N GLN F 278 7.28 -26.71 12.91
CA GLN F 278 8.25 -25.64 13.10
C GLN F 278 9.31 -26.15 14.06
N PRO F 279 10.48 -25.50 14.10
CA PRO F 279 11.54 -25.95 15.00
C PRO F 279 11.14 -25.65 16.45
N GLN F 280 11.31 -26.62 17.32
CA GLN F 280 10.96 -26.47 18.71
C GLN F 280 12.23 -26.24 19.52
N HIS F 281 12.12 -25.53 20.64
CA HIS F 281 13.28 -25.22 21.49
C HIS F 281 13.66 -26.26 22.53
N PHE F 282 14.96 -26.45 22.74
CA PHE F 282 15.46 -27.40 23.72
C PHE F 282 16.92 -27.09 24.07
N THR F 283 17.31 -27.41 25.31
CA THR F 283 18.67 -27.17 25.75
C THR F 283 19.36 -28.32 26.49
N TYR F 284 20.62 -28.60 26.13
CA TYR F 284 21.39 -29.65 26.78
C TYR F 284 22.34 -29.03 27.81
N HIS F 285 22.23 -29.44 29.07
CA HIS F 285 23.09 -28.93 30.15
C HIS F 285 24.33 -29.79 30.38
N PRO F 286 25.39 -29.18 30.92
CA PRO F 286 26.66 -29.87 31.19
C PRO F 286 26.48 -31.02 32.17
N VAL F 287 27.30 -32.06 32.03
CA VAL F 287 27.23 -33.23 32.90
C VAL F 287 27.29 -32.89 34.40
N ILE G 1 -14.84 -19.61 -12.70
CA ILE G 1 -14.94 -21.09 -12.79
C ILE G 1 -16.42 -21.53 -12.77
N VAL G 2 -17.31 -20.56 -12.95
CA VAL G 2 -18.75 -20.76 -12.98
C VAL G 2 -19.31 -19.55 -13.71
N ARG G 3 -20.04 -19.77 -14.79
CA ARG G 3 -20.63 -18.67 -15.53
C ARG G 3 -21.79 -18.15 -14.71
N PRO G 4 -21.66 -16.97 -14.08
CA PRO G 4 -22.78 -16.44 -13.27
C PRO G 4 -24.08 -16.38 -14.10
N PRO G 5 -25.23 -16.76 -13.49
CA PRO G 5 -26.53 -16.78 -14.14
C PRO G 5 -27.19 -15.43 -14.34
N PHE G 6 -26.44 -14.49 -14.90
CA PHE G 6 -26.99 -13.18 -15.14
C PHE G 6 -26.54 -12.71 -16.51
N THR G 7 -27.29 -11.79 -17.10
CA THR G 7 -26.94 -11.24 -18.42
C THR G 7 -25.96 -10.10 -18.17
N TYR G 8 -25.14 -9.79 -19.17
CA TYR G 8 -24.23 -8.68 -18.97
C TYR G 8 -25.04 -7.45 -18.54
N ALA G 9 -26.05 -7.08 -19.33
CA ALA G 9 -26.87 -5.91 -19.02
C ALA G 9 -27.28 -5.91 -17.55
N THR G 10 -27.77 -7.03 -17.04
CA THR G 10 -28.18 -7.09 -15.64
C THR G 10 -27.06 -6.72 -14.69
N LEU G 11 -25.88 -7.26 -14.94
CA LEU G 11 -24.73 -7.01 -14.09
C LEU G 11 -24.19 -5.60 -14.24
N ILE G 12 -24.07 -5.15 -15.50
CA ILE G 12 -23.59 -3.81 -15.78
C ILE G 12 -24.52 -2.84 -15.07
N ARG G 13 -25.77 -3.25 -14.97
CA ARG G 13 -26.76 -2.42 -14.32
C ARG G 13 -26.55 -2.48 -12.82
N GLN G 14 -26.14 -3.65 -12.30
CA GLN G 14 -25.92 -3.80 -10.85
C GLN G 14 -24.68 -3.05 -10.36
N ALA G 15 -23.56 -3.27 -11.02
CA ALA G 15 -22.35 -2.58 -10.63
C ALA G 15 -22.64 -1.07 -10.52
N ILE G 16 -23.24 -0.50 -11.55
CA ILE G 16 -23.56 0.93 -11.52
C ILE G 16 -24.46 1.28 -10.36
N MET G 17 -25.67 0.71 -10.34
CA MET G 17 -26.63 0.99 -9.28
C MET G 17 -26.24 0.47 -7.89
N GLU G 18 -24.94 0.51 -7.60
CA GLU G 18 -24.42 0.04 -6.33
C GLU G 18 -23.25 0.95 -5.91
N SER G 19 -22.71 1.69 -6.87
CA SER G 19 -21.59 2.57 -6.60
C SER G 19 -22.11 3.76 -5.84
N SER G 20 -21.22 4.45 -5.12
CA SER G 20 -21.59 5.60 -4.32
C SER G 20 -22.47 6.67 -4.99
N ASP G 21 -22.19 6.99 -6.25
CA ASP G 21 -22.98 8.00 -6.95
C ASP G 21 -23.80 7.51 -8.12
N ARG G 22 -24.02 6.21 -8.18
CA ARG G 22 -24.80 5.63 -9.25
C ARG G 22 -24.28 5.93 -10.65
N GLN G 23 -22.96 6.04 -10.77
CA GLN G 23 -22.34 6.30 -12.07
C GLN G 23 -20.91 5.77 -12.00
N LEU G 24 -20.41 5.20 -13.09
CA LEU G 24 -19.07 4.65 -13.13
C LEU G 24 -18.33 4.81 -14.45
N THR G 25 -17.03 4.90 -14.38
CA THR G 25 -16.25 5.01 -15.61
C THR G 25 -16.10 3.58 -16.07
N LEU G 26 -15.96 3.38 -17.37
CA LEU G 26 -15.80 2.04 -17.88
C LEU G 26 -14.85 1.12 -17.03
N ASN G 27 -13.63 1.59 -16.75
CA ASN G 27 -12.63 0.83 -15.98
C ASN G 27 -13.15 0.37 -14.65
N GLU G 28 -13.96 1.20 -14.03
CA GLU G 28 -14.53 0.88 -12.74
C GLU G 28 -15.59 -0.23 -12.89
N ILE G 29 -16.30 -0.25 -14.00
CA ILE G 29 -17.30 -1.30 -14.18
C ILE G 29 -16.54 -2.60 -14.31
N TYR G 30 -15.42 -2.52 -15.01
CA TYR G 30 -14.53 -3.67 -15.19
C TYR G 30 -14.08 -4.14 -13.81
N SER G 31 -13.64 -3.20 -12.97
CA SER G 31 -13.17 -3.55 -11.65
C SER G 31 -14.24 -4.20 -10.80
N TRP G 32 -15.49 -4.02 -11.20
CA TRP G 32 -16.59 -4.59 -10.44
C TRP G 32 -16.83 -6.06 -10.82
N PHE G 33 -16.75 -6.35 -12.10
CA PHE G 33 -16.94 -7.71 -12.55
C PHE G 33 -15.83 -8.58 -11.97
N THR G 34 -14.60 -8.07 -12.11
CA THR G 34 -13.39 -8.72 -11.66
C THR G 34 -13.34 -9.08 -10.19
N ARG G 35 -13.85 -8.22 -9.33
CA ARG G 35 -13.78 -8.56 -7.93
C ARG G 35 -15.09 -9.09 -7.42
N THR G 36 -16.06 -9.27 -8.30
CA THR G 36 -17.33 -9.79 -7.82
C THR G 36 -17.53 -11.25 -8.16
N PHE G 37 -16.97 -11.70 -9.28
CA PHE G 37 -17.11 -13.10 -9.69
C PHE G 37 -15.77 -13.64 -10.17
N ALA G 38 -15.41 -14.83 -9.72
CA ALA G 38 -14.15 -15.41 -10.13
C ALA G 38 -14.17 -15.72 -11.63
N TYR G 39 -15.35 -15.70 -12.24
CA TYR G 39 -15.46 -16.03 -13.66
C TYR G 39 -14.90 -14.96 -14.55
N PHE G 40 -14.91 -13.74 -14.01
CA PHE G 40 -14.42 -12.60 -14.75
C PHE G 40 -12.93 -12.31 -14.56
N ARG G 41 -12.27 -13.10 -13.71
CA ARG G 41 -10.85 -12.96 -13.47
C ARG G 41 -10.06 -13.81 -14.47
N ARG G 42 -10.60 -13.92 -15.68
CA ARG G 42 -9.94 -14.59 -16.80
C ARG G 42 -10.68 -14.24 -18.09
N ASN G 43 -10.04 -14.46 -19.23
CA ASN G 43 -10.65 -14.17 -20.52
C ASN G 43 -11.14 -12.73 -20.69
N ALA G 44 -10.48 -11.80 -20.03
CA ALA G 44 -10.90 -10.41 -20.13
C ALA G 44 -11.16 -9.94 -21.58
N ALA G 45 -10.30 -10.31 -22.52
CA ALA G 45 -10.51 -9.91 -23.90
C ALA G 45 -11.95 -10.12 -24.34
N THR G 46 -12.55 -11.23 -23.91
CA THR G 46 -13.93 -11.56 -24.31
C THR G 46 -15.05 -10.82 -23.60
N TRP G 47 -15.09 -10.87 -22.27
CA TRP G 47 -16.16 -10.19 -21.58
C TRP G 47 -16.04 -8.68 -21.55
N LYS G 48 -14.81 -8.18 -21.60
CA LYS G 48 -14.65 -6.74 -21.58
C LYS G 48 -15.29 -6.26 -22.86
N ASN G 49 -15.11 -7.02 -23.93
CA ASN G 49 -15.68 -6.63 -25.22
C ASN G 49 -17.18 -6.63 -25.07
N ALA G 50 -17.69 -7.70 -24.49
CA ALA G 50 -19.11 -7.88 -24.24
C ALA G 50 -19.67 -6.68 -23.47
N VAL G 51 -18.96 -6.22 -22.45
CA VAL G 51 -19.46 -5.08 -21.67
C VAL G 51 -19.51 -3.81 -22.46
N ARG G 52 -18.47 -3.52 -23.21
CA ARG G 52 -18.47 -2.31 -24.02
C ARG G 52 -19.62 -2.33 -25.00
N HIS G 53 -19.89 -3.50 -25.59
CA HIS G 53 -20.98 -3.67 -26.51
C HIS G 53 -22.35 -3.48 -25.81
N ASN G 54 -22.58 -4.15 -24.69
CA ASN G 54 -23.83 -3.95 -23.97
C ASN G 54 -24.03 -2.47 -23.62
N LEU G 55 -22.97 -1.83 -23.13
CA LEU G 55 -23.03 -0.43 -22.71
C LEU G 55 -23.43 0.58 -23.78
N SER G 56 -23.07 0.32 -25.03
CA SER G 56 -23.43 1.22 -26.12
C SER G 56 -24.81 0.90 -26.73
N LEU G 57 -25.00 -0.35 -27.12
CA LEU G 57 -26.24 -0.80 -27.77
C LEU G 57 -27.55 -0.54 -26.97
N HIS G 58 -27.57 -0.85 -25.67
CA HIS G 58 -28.77 -0.62 -24.86
C HIS G 58 -28.91 0.82 -24.47
N LYS G 59 -30.05 1.40 -24.81
CA LYS G 59 -30.35 2.79 -24.51
C LYS G 59 -30.41 3.08 -23.01
N CYS G 60 -30.72 2.07 -22.21
CA CYS G 60 -30.79 2.23 -20.76
C CYS G 60 -29.43 2.57 -20.16
N PHE G 61 -28.39 2.53 -20.99
CA PHE G 61 -27.04 2.85 -20.55
C PHE G 61 -26.61 4.07 -21.31
N VAL G 62 -26.56 5.19 -20.59
CA VAL G 62 -26.20 6.48 -21.18
C VAL G 62 -24.85 6.99 -20.70
N ARG G 63 -24.00 7.39 -21.65
CA ARG G 63 -22.67 7.92 -21.35
C ARG G 63 -22.70 9.43 -21.08
N VAL G 64 -22.43 9.82 -19.85
CA VAL G 64 -22.44 11.22 -19.42
C VAL G 64 -21.04 11.82 -19.35
N GLU G 65 -20.67 12.58 -20.38
CA GLU G 65 -19.34 13.19 -20.45
C GLU G 65 -19.10 14.22 -19.34
N ASN G 66 -17.85 14.32 -18.88
CA ASN G 66 -17.51 15.30 -17.85
C ASN G 66 -16.05 15.74 -17.98
N VAL G 67 -15.58 16.54 -17.03
CA VAL G 67 -14.22 17.06 -17.08
C VAL G 67 -13.18 15.96 -17.00
N LYS G 68 -13.44 14.99 -16.12
CA LYS G 68 -12.54 13.87 -15.87
C LYS G 68 -12.70 12.70 -16.87
N GLY G 69 -13.38 12.96 -17.98
CA GLY G 69 -13.58 11.92 -18.99
C GLY G 69 -15.02 11.62 -19.34
N ALA G 70 -15.55 10.54 -18.76
CA ALA G 70 -16.93 10.10 -19.01
C ALA G 70 -17.34 8.97 -18.09
N VAL G 71 -18.58 9.00 -17.64
CA VAL G 71 -19.10 7.97 -16.76
C VAL G 71 -20.34 7.33 -17.35
N TRP G 72 -20.65 6.11 -16.91
CA TRP G 72 -21.84 5.45 -17.41
C TRP G 72 -22.90 5.45 -16.33
N THR G 73 -24.16 5.57 -16.77
CA THR G 73 -25.28 5.60 -15.85
C THR G 73 -26.43 4.80 -16.43
N VAL G 74 -27.39 4.43 -15.59
CA VAL G 74 -28.54 3.67 -16.05
C VAL G 74 -29.82 4.50 -15.93
N ASP G 75 -30.71 4.33 -16.89
CA ASP G 75 -32.00 5.03 -16.90
C ASP G 75 -33.11 3.99 -16.59
N GLU G 76 -33.47 3.89 -15.30
CA GLU G 76 -34.47 2.94 -14.84
C GLU G 76 -35.73 2.75 -15.69
N VAL G 77 -36.41 3.84 -16.01
CA VAL G 77 -37.63 3.73 -16.81
C VAL G 77 -37.32 3.02 -18.13
N GLU G 78 -36.06 3.07 -18.55
CA GLU G 78 -35.65 2.43 -19.80
C GLU G 78 -35.23 0.99 -19.55
N TYR G 79 -34.45 0.77 -18.50
CA TYR G 79 -34.01 -0.59 -18.20
C TYR G 79 -35.25 -1.42 -17.90
N GLN G 80 -36.38 -0.74 -17.68
CA GLN G 80 -37.63 -1.39 -17.39
C GLN G 80 -38.52 -1.45 -18.61
N LYS G 81 -37.92 -1.87 -19.72
CA LYS G 81 -38.61 -2.00 -20.99
C LYS G 81 -37.93 -3.11 -21.78
N ARG G 82 -38.75 -4.01 -22.32
CA ARG G 82 -38.25 -5.15 -23.10
C ARG G 82 -37.61 -6.17 -22.17
N ARG G 83 -37.75 -5.95 -20.86
CA ARG G 83 -37.20 -6.87 -19.85
C ARG G 83 -37.77 -6.57 -18.46
N ILE H 1 7.91 -4.74 -26.95
CA ILE H 1 7.76 -4.09 -28.28
C ILE H 1 9.04 -4.17 -29.10
N VAL H 2 10.09 -4.64 -28.44
CA VAL H 2 11.39 -4.85 -29.04
C VAL H 2 11.87 -6.11 -28.32
N ARG H 3 12.12 -7.17 -29.07
CA ARG H 3 12.58 -8.46 -28.52
C ARG H 3 14.01 -8.36 -27.97
N PRO H 4 14.17 -8.33 -26.64
CA PRO H 4 15.52 -8.24 -26.06
C PRO H 4 16.44 -9.16 -26.83
N PRO H 5 17.58 -8.63 -27.34
CA PRO H 5 18.55 -9.42 -28.11
C PRO H 5 19.36 -10.38 -27.23
N PHE H 6 18.66 -11.06 -26.33
CA PHE H 6 19.29 -12.01 -25.43
C PHE H 6 18.55 -13.34 -25.39
N THR H 7 19.26 -14.43 -25.13
CA THR H 7 18.61 -15.73 -25.01
C THR H 7 17.93 -15.81 -23.63
N TYR H 8 17.01 -16.76 -23.46
CA TYR H 8 16.35 -16.85 -22.16
C TYR H 8 17.40 -17.23 -21.12
N ALA H 9 18.25 -18.22 -21.46
CA ALA H 9 19.30 -18.64 -20.54
C ALA H 9 20.11 -17.40 -20.05
N THR H 10 20.58 -16.57 -20.98
CA THR H 10 21.33 -15.36 -20.63
C THR H 10 20.60 -14.51 -19.60
N LEU H 11 19.32 -14.22 -19.84
CA LEU H 11 18.52 -13.38 -18.93
C LEU H 11 18.11 -14.09 -17.65
N ILE H 12 17.89 -15.40 -17.72
CA ILE H 12 17.53 -16.11 -16.51
C ILE H 12 18.77 -16.02 -15.64
N ARG H 13 19.93 -16.17 -16.29
CA ARG H 13 21.22 -16.10 -15.62
C ARG H 13 21.51 -14.69 -15.07
N GLN H 14 20.99 -13.66 -15.73
CA GLN H 14 21.25 -12.30 -15.24
C GLN H 14 20.41 -11.97 -14.02
N ALA H 15 19.12 -12.28 -14.10
CA ALA H 15 18.20 -12.01 -12.99
C ALA H 15 18.75 -12.67 -11.74
N ILE H 16 19.19 -13.91 -11.87
CA ILE H 16 19.74 -14.60 -10.72
C ILE H 16 21.00 -13.94 -10.18
N MET H 17 22.04 -13.87 -11.03
CA MET H 17 23.30 -13.27 -10.62
C MET H 17 23.23 -11.76 -10.41
N GLU H 18 22.09 -11.27 -9.95
CA GLU H 18 21.91 -9.83 -9.73
C GLU H 18 21.11 -9.61 -8.45
N SER H 19 20.50 -10.69 -7.95
CA SER H 19 19.70 -10.65 -6.74
C SER H 19 20.62 -10.62 -5.54
N SER H 20 20.13 -10.08 -4.42
CA SER H 20 20.93 -9.97 -3.20
C SER H 20 21.74 -11.21 -2.81
N ASP H 21 21.15 -12.40 -2.96
CA ASP H 21 21.85 -13.63 -2.57
C ASP H 21 22.15 -14.60 -3.72
N ARG H 22 22.11 -14.10 -4.94
CA ARG H 22 22.41 -14.94 -6.11
C ARG H 22 21.55 -16.20 -6.23
N GLN H 23 20.29 -16.08 -5.80
CA GLN H 23 19.35 -17.19 -5.85
C GLN H 23 17.92 -16.64 -5.82
N LEU H 24 17.05 -17.20 -6.65
CA LEU H 24 15.66 -16.75 -6.72
C LEU H 24 14.60 -17.84 -6.88
N THR H 25 13.43 -17.59 -6.33
CA THR H 25 12.31 -18.50 -6.51
C THR H 25 11.76 -18.18 -7.91
N LEU H 26 11.14 -19.18 -8.55
CA LEU H 26 10.62 -19.00 -9.90
C LEU H 26 9.78 -17.73 -10.04
N ASN H 27 8.94 -17.45 -9.06
CA ASN H 27 8.12 -16.29 -9.20
C ASN H 27 8.97 -15.03 -9.31
N GLU H 28 10.02 -14.96 -8.51
CA GLU H 28 10.92 -13.80 -8.51
C GLU H 28 11.62 -13.62 -9.87
N ILE H 29 12.00 -14.71 -10.52
CA ILE H 29 12.63 -14.60 -11.85
C ILE H 29 11.63 -13.95 -12.81
N TYR H 30 10.36 -14.38 -12.72
CA TYR H 30 9.26 -13.84 -13.53
C TYR H 30 9.21 -12.32 -13.29
N SER H 31 9.14 -11.94 -12.02
CA SER H 31 9.10 -10.55 -11.62
C SER H 31 10.29 -9.78 -12.15
N TRP H 32 11.37 -10.47 -12.47
CA TRP H 32 12.52 -9.76 -13.01
C TRP H 32 12.32 -9.43 -14.51
N PHE H 33 11.82 -10.40 -15.28
CA PHE H 33 11.58 -10.22 -16.71
C PHE H 33 10.52 -9.13 -16.96
N THR H 34 9.51 -9.15 -16.11
CA THR H 34 8.37 -8.25 -16.17
C THR H 34 8.71 -6.80 -15.93
N ARG H 35 9.51 -6.52 -14.91
CA ARG H 35 9.88 -5.14 -14.66
C ARG H 35 11.17 -4.71 -15.33
N THR H 36 11.80 -5.58 -16.11
CA THR H 36 13.06 -5.23 -16.73
C THR H 36 12.87 -4.85 -18.20
N PHE H 37 12.04 -5.61 -18.93
CA PHE H 37 11.73 -5.35 -20.34
C PHE H 37 10.24 -5.25 -20.60
N ALA H 38 9.83 -4.25 -21.38
CA ALA H 38 8.41 -4.12 -21.67
C ALA H 38 7.88 -5.27 -22.54
N TYR H 39 8.76 -6.07 -23.12
CA TYR H 39 8.37 -7.18 -23.98
C TYR H 39 7.85 -8.35 -23.16
N PHE H 40 8.15 -8.37 -21.87
CA PHE H 40 7.68 -9.46 -21.04
C PHE H 40 6.46 -9.06 -20.25
N ARG H 41 5.91 -7.91 -20.59
CA ARG H 41 4.71 -7.45 -19.90
C ARG H 41 3.52 -7.77 -20.77
N ARG H 42 3.56 -8.96 -21.38
CA ARG H 42 2.50 -9.48 -22.21
C ARG H 42 2.93 -10.86 -22.68
N ASN H 43 1.95 -11.66 -23.09
CA ASN H 43 2.21 -13.02 -23.58
C ASN H 43 2.89 -13.90 -22.55
N ALA H 44 2.55 -13.66 -21.28
CA ALA H 44 3.14 -14.42 -20.20
C ALA H 44 3.08 -15.92 -20.48
N ALA H 45 1.90 -16.45 -20.81
CA ALA H 45 1.77 -17.87 -21.08
C ALA H 45 2.96 -18.42 -21.88
N THR H 46 3.41 -17.68 -22.88
CA THR H 46 4.52 -18.14 -23.71
C THR H 46 5.94 -18.10 -23.11
N TRP H 47 6.35 -16.93 -22.64
CA TRP H 47 7.70 -16.79 -22.09
C TRP H 47 7.85 -17.48 -20.75
N LYS H 48 6.83 -17.41 -19.90
CA LYS H 48 6.89 -18.08 -18.63
C LYS H 48 7.16 -19.56 -18.85
N ASN H 49 6.62 -20.12 -19.93
CA ASN H 49 6.85 -21.52 -20.22
C ASN H 49 8.31 -21.63 -20.62
N ALA H 50 8.78 -20.72 -21.46
CA ALA H 50 10.16 -20.73 -21.94
C ALA H 50 11.16 -20.71 -20.79
N VAL H 51 10.88 -19.90 -19.78
CA VAL H 51 11.76 -19.82 -18.64
C VAL H 51 11.77 -21.15 -17.87
N ARG H 52 10.59 -21.68 -17.57
CA ARG H 52 10.53 -22.93 -16.88
C ARG H 52 11.27 -24.04 -17.62
N HIS H 53 11.25 -24.00 -18.95
CA HIS H 53 11.91 -24.98 -19.74
C HIS H 53 13.43 -24.80 -19.73
N ASN H 54 13.85 -23.55 -19.80
CA ASN H 54 15.27 -23.26 -19.77
C ASN H 54 15.84 -23.65 -18.41
N LEU H 55 15.13 -23.28 -17.34
CA LEU H 55 15.58 -23.60 -16.00
C LEU H 55 15.80 -25.07 -15.69
N SER H 56 15.04 -25.95 -16.32
CA SER H 56 15.20 -27.36 -16.05
C SER H 56 16.21 -27.98 -16.96
N LEU H 57 16.04 -27.76 -18.25
CA LEU H 57 16.91 -28.35 -19.28
C LEU H 57 18.42 -28.05 -19.15
N HIS H 58 18.79 -26.80 -18.88
CA HIS H 58 20.20 -26.43 -18.72
C HIS H 58 20.75 -26.81 -17.33
N LYS H 59 21.81 -27.59 -17.34
CA LYS H 59 22.40 -28.01 -16.09
C LYS H 59 22.93 -26.84 -15.27
N CYS H 60 23.35 -25.78 -15.94
CA CYS H 60 23.88 -24.60 -15.25
C CYS H 60 22.86 -23.96 -14.32
N PHE H 61 21.62 -24.45 -14.37
CA PHE H 61 20.56 -23.94 -13.50
C PHE H 61 20.16 -25.06 -12.57
N VAL H 62 20.45 -24.88 -11.29
CA VAL H 62 20.18 -25.92 -10.32
C VAL H 62 19.18 -25.51 -9.25
N ARG H 63 18.19 -26.35 -9.05
CA ARG H 63 17.15 -26.05 -8.09
C ARG H 63 17.54 -26.49 -6.71
N VAL H 64 17.66 -25.54 -5.79
CA VAL H 64 18.05 -25.82 -4.40
C VAL H 64 16.86 -25.74 -3.43
N GLU H 65 16.37 -26.92 -3.03
CA GLU H 65 15.22 -27.00 -2.15
C GLU H 65 15.54 -26.51 -0.76
N ASN H 66 14.56 -25.89 -0.11
CA ASN H 66 14.73 -25.36 1.25
C ASN H 66 13.40 -25.43 2.01
N VAL H 67 13.39 -24.90 3.23
CA VAL H 67 12.17 -24.88 4.04
C VAL H 67 11.06 -24.02 3.40
N LYS H 68 11.43 -22.89 2.79
CA LYS H 68 10.43 -22.02 2.17
C LYS H 68 10.07 -22.39 0.74
N GLY H 69 10.41 -23.61 0.34
CA GLY H 69 10.07 -24.01 -1.02
C GLY H 69 11.26 -24.46 -1.85
N ALA H 70 11.72 -23.58 -2.73
CA ALA H 70 12.85 -23.90 -3.59
C ALA H 70 13.35 -22.65 -4.30
N VAL H 71 14.64 -22.60 -4.62
CA VAL H 71 15.17 -21.44 -5.30
C VAL H 71 16.06 -21.88 -6.43
N TRP H 72 16.30 -20.99 -7.38
CA TRP H 72 17.13 -21.31 -8.52
C TRP H 72 18.46 -20.57 -8.44
N THR H 73 19.52 -21.27 -8.85
CA THR H 73 20.87 -20.72 -8.77
C THR H 73 21.63 -21.14 -10.00
N VAL H 74 22.68 -20.40 -10.33
CA VAL H 74 23.49 -20.72 -11.49
C VAL H 74 24.87 -21.23 -11.08
N ASP H 75 25.41 -22.14 -11.88
CA ASP H 75 26.72 -22.74 -11.65
C ASP H 75 27.68 -22.25 -12.74
N GLU H 76 28.35 -21.14 -12.45
CA GLU H 76 29.27 -20.51 -13.38
C GLU H 76 30.17 -21.40 -14.25
N VAL H 77 30.89 -22.33 -13.63
CA VAL H 77 31.75 -23.20 -14.41
C VAL H 77 30.95 -23.97 -15.46
N GLU H 78 29.65 -24.13 -15.19
CA GLU H 78 28.76 -24.83 -16.12
C GLU H 78 28.16 -23.88 -17.16
N TYR H 79 27.72 -22.70 -16.72
CA TYR H 79 27.15 -21.74 -17.65
C TYR H 79 28.23 -21.29 -18.62
N GLN H 80 29.48 -21.50 -18.22
CA GLN H 80 30.61 -21.11 -19.05
C GLN H 80 31.13 -22.29 -19.89
N LYS H 81 30.21 -22.98 -20.54
CA LYS H 81 30.56 -24.10 -21.41
C LYS H 81 29.74 -24.02 -22.69
N ARG H 82 28.77 -24.92 -22.85
CA ARG H 82 27.93 -24.95 -24.05
C ARG H 82 27.12 -23.66 -24.22
N ARG H 83 26.74 -23.06 -23.09
CA ARG H 83 25.97 -21.82 -23.01
C ARG H 83 24.45 -22.11 -23.01
#